data_6EGS
#
_entry.id   6EGS
#
_cell.length_a   154.036
_cell.length_b   154.036
_cell.length_c   109.823
_cell.angle_alpha   90.00
_cell.angle_beta   90.00
_cell.angle_gamma   90.00
#
_symmetry.space_group_name_H-M   'P 41 21 2'
#
loop_
_entity.id
_entity.type
_entity.pdbx_description
1 polymer 'Polypeptide N-acetylgalactosaminyltransferase 2'
2 non-polymer 'MANGANESE (II) ION'
3 non-polymer URIDINE-DIPHOSPHATE-N-ACETYLGALACTOSAMINE
4 water water
#
_entity_poly.entity_id   1
_entity_poly.type   'polypeptide(L)'
_entity_poly.pdbx_seq_one_letter_code
;KREAEAKVRWPDFNQEAYVGGTMVRSGQDPYARNKSNQVESDKLRMDRAIPDTRHDQCQRKQWRVDLPATSVVITFHNEA
RSALLRTVVSVLKKSPPHLIKEIILVDDYSNDPEDGALLGKIEKVRVLRNDRREGLMRSRVRGADAAQAKVLTFLDSHCE
CNEHWLEPLLERVAEDRTRVVSPIIDVINMDNFQYVGASADLKGGFDWNLVFKWDYMTPEQRRSRQGNPVAPIKTPMIAG
GLFVMDKFYFEELGKYDMMMDVWGGENLEISFRVWQCGGSLEIIPCSRVGHVFRKQHPYTFPGGSGTVFARNTRRAAEVW
MDEYKNFYYAAVPSARNVPYGNIQSRLELRKKLSCKPFKWYLENVYPELRVPDHQDIAFGALQQGTNCLDTLGHFADGVV
GVYECHNAGGNQEWALTKEKSVKHMDLCLTVVDRAPGSLIKLQGCRENDSRQKWEQIEGNSKLRHVGSNLCLDSRTAKSG
GLSVEVCGPALSQQWKFTLNLQQ
;
_entity_poly.pdbx_strand_id   A,B
#
loop_
_chem_comp.id
_chem_comp.type
_chem_comp.name
_chem_comp.formula
MN non-polymer 'MANGANESE (II) ION' 'Mn 2'
UD2 non-polymer URIDINE-DIPHOSPHATE-N-ACETYLGALACTOSAMINE 'C17 H27 N3 O17 P2'
#
# COMPACT_ATOMS: atom_id res chain seq x y z
N ALA A 4 -54.20 14.74 23.14
CA ALA A 4 -54.57 14.78 24.53
C ALA A 4 -54.20 13.48 25.21
N GLU A 5 -54.15 12.42 24.41
CA GLU A 5 -53.84 11.08 24.86
C GLU A 5 -53.62 10.13 23.67
N ALA A 6 -53.68 10.63 22.45
CA ALA A 6 -53.59 9.77 21.28
C ALA A 6 -52.25 9.73 20.53
N LYS A 7 -52.02 8.62 19.83
CA LYS A 7 -50.80 8.48 19.04
C LYS A 7 -51.13 9.07 17.66
N VAL A 8 -50.13 9.65 16.98
CA VAL A 8 -50.36 10.27 15.70
C VAL A 8 -49.34 9.76 14.65
N ARG A 9 -49.77 9.73 13.38
CA ARG A 9 -48.91 9.33 12.26
C ARG A 9 -47.86 10.41 12.03
N TRP A 10 -46.66 10.01 11.60
CA TRP A 10 -45.51 10.94 11.63
C TRP A 10 -45.74 12.24 10.85
N PRO A 11 -46.41 12.19 9.67
CA PRO A 11 -46.67 13.45 8.93
C PRO A 11 -47.54 14.49 9.69
N ASP A 12 -48.41 14.02 10.56
CA ASP A 12 -49.24 14.94 11.36
C ASP A 12 -48.55 15.44 12.62
N PHE A 13 -47.31 15.03 12.87
CA PHE A 13 -46.64 15.52 14.07
C PHE A 13 -46.30 16.99 13.89
N ASN A 14 -46.47 17.75 14.97
CA ASN A 14 -46.27 19.17 14.93
C ASN A 14 -44.81 19.49 15.18
N GLN A 15 -44.02 19.45 14.10
CA GLN A 15 -42.60 19.79 14.20
C GLN A 15 -42.36 21.24 14.57
N GLU A 16 -43.16 22.16 14.00
CA GLU A 16 -43.00 23.60 14.28
C GLU A 16 -43.10 23.82 15.82
N ALA A 17 -44.04 23.11 16.45
CA ALA A 17 -44.27 23.17 17.90
C ALA A 17 -43.15 22.54 18.72
N TYR A 18 -42.86 21.27 18.41
CA TYR A 18 -41.82 20.51 19.05
C TYR A 18 -40.48 21.26 19.04
N VAL A 19 -40.04 21.67 17.85
CA VAL A 19 -38.71 22.25 17.75
C VAL A 19 -38.68 23.62 18.47
N GLY A 20 -39.73 24.42 18.31
CA GLY A 20 -39.78 25.77 18.91
C GLY A 20 -39.99 25.69 20.44
N GLY A 21 -41.06 25.02 20.86
CA GLY A 21 -41.38 24.86 22.29
C GLY A 21 -42.51 25.77 22.76
N GLN A 38 -25.05 22.87 14.76
CA GLN A 38 -25.40 24.26 14.98
C GLN A 38 -26.84 24.51 14.57
N VAL A 39 -27.29 25.75 14.75
CA VAL A 39 -28.66 26.18 14.44
C VAL A 39 -29.28 25.74 13.13
N GLU A 40 -28.48 25.73 12.08
CA GLU A 40 -28.91 25.34 10.77
C GLU A 40 -29.67 24.04 10.79
N SER A 41 -29.66 23.36 11.92
CA SER A 41 -30.41 22.09 12.04
C SER A 41 -31.94 22.29 12.10
N ASP A 42 -32.38 23.31 12.84
CA ASP A 42 -33.80 23.61 12.99
C ASP A 42 -34.45 24.13 11.71
N LYS A 43 -33.63 24.54 10.75
CA LYS A 43 -34.10 25.06 9.47
C LYS A 43 -34.63 23.97 8.54
N LEU A 44 -34.19 22.73 8.72
CA LEU A 44 -34.59 21.63 7.85
C LEU A 44 -35.94 21.08 8.25
N ARG A 45 -36.68 20.51 7.30
CA ARG A 45 -37.90 19.78 7.64
C ARG A 45 -37.52 18.44 8.26
N MET A 46 -38.43 17.90 9.03
CA MET A 46 -38.25 16.61 9.68
C MET A 46 -38.08 15.47 8.67
N ASP A 47 -38.72 15.61 7.50
CA ASP A 47 -38.65 14.60 6.44
C ASP A 47 -37.95 15.13 5.21
N ARG A 48 -36.99 16.01 5.43
CA ARG A 48 -36.31 16.66 4.31
C ARG A 48 -35.63 15.64 3.37
N ALA A 49 -35.68 15.93 2.09
CA ALA A 49 -35.18 15.02 1.08
C ALA A 49 -33.65 15.00 1.07
N ILE A 50 -33.07 13.85 0.75
CA ILE A 50 -31.60 13.72 0.72
C ILE A 50 -31.13 12.93 -0.47
N PRO A 51 -29.95 13.29 -1.01
CA PRO A 51 -29.53 12.58 -2.21
C PRO A 51 -29.37 11.09 -1.96
N ASP A 52 -29.85 10.29 -2.91
CA ASP A 52 -29.59 8.84 -2.87
C ASP A 52 -28.12 8.59 -3.21
N THR A 53 -27.36 8.16 -2.22
CA THR A 53 -25.91 8.00 -2.33
C THR A 53 -25.47 6.58 -2.66
N ARG A 54 -26.40 5.75 -3.13
CA ARG A 54 -26.11 4.34 -3.33
C ARG A 54 -25.50 4.03 -4.68
N HIS A 55 -24.81 2.91 -4.77
CA HIS A 55 -24.41 2.40 -6.07
C HIS A 55 -25.63 2.19 -6.95
N ASP A 56 -25.40 2.27 -8.24
CA ASP A 56 -26.46 2.18 -9.22
C ASP A 56 -27.17 0.84 -9.12
N GLN A 57 -26.47 -0.18 -8.63
CA GLN A 57 -26.94 -1.56 -8.67
C GLN A 57 -27.91 -1.81 -7.53
N CYS A 58 -27.75 -1.07 -6.44
CA CYS A 58 -28.72 -1.12 -5.34
C CYS A 58 -30.08 -0.62 -5.82
N GLN A 59 -30.06 0.39 -6.70
CA GLN A 59 -31.27 0.95 -7.31
C GLN A 59 -32.38 -0.10 -7.44
N ARG A 60 -32.09 -1.17 -8.18
CA ARG A 60 -33.03 -2.27 -8.40
C ARG A 60 -32.36 -3.59 -8.10
N LYS A 61 -32.20 -3.83 -6.81
CA LYS A 61 -32.08 -5.16 -6.29
C LYS A 61 -33.47 -5.39 -5.73
N GLN A 62 -33.89 -6.64 -5.65
CA GLN A 62 -35.22 -6.96 -5.13
C GLN A 62 -35.07 -7.50 -3.70
N TRP A 63 -35.57 -6.78 -2.71
CA TRP A 63 -35.41 -7.19 -1.31
C TRP A 63 -36.62 -8.02 -0.92
N ARG A 64 -36.50 -8.77 0.17
CA ARG A 64 -37.47 -9.81 0.53
C ARG A 64 -38.61 -9.31 1.45
N VAL A 65 -39.80 -9.91 1.31
CA VAL A 65 -40.96 -9.56 2.15
C VAL A 65 -40.75 -10.21 3.52
N ASP A 66 -40.12 -11.38 3.47
CA ASP A 66 -40.11 -12.31 4.60
C ASP A 66 -38.84 -12.11 5.42
N LEU A 67 -38.69 -10.89 5.93
CA LEU A 67 -37.57 -10.52 6.75
C LEU A 67 -38.07 -10.24 8.12
N PRO A 68 -37.21 -10.42 9.11
CA PRO A 68 -37.63 -10.25 10.49
C PRO A 68 -37.73 -8.78 10.85
N ALA A 69 -38.86 -8.38 11.39
CA ALA A 69 -38.98 -7.03 11.90
C ALA A 69 -37.90 -6.73 12.95
N THR A 70 -37.61 -5.44 13.13
CA THR A 70 -36.54 -5.01 14.00
C THR A 70 -37.05 -3.98 14.99
N SER A 71 -36.46 -4.00 16.18
CA SER A 71 -36.63 -2.94 17.13
C SER A 71 -35.48 -1.98 16.94
N VAL A 72 -35.77 -0.69 16.78
CA VAL A 72 -34.73 0.31 16.54
C VAL A 72 -34.46 1.05 17.85
N VAL A 73 -33.30 0.85 18.44
CA VAL A 73 -32.90 1.54 19.66
C VAL A 73 -32.11 2.81 19.35
N ILE A 74 -32.65 3.96 19.72
CA ILE A 74 -31.93 5.22 19.60
C ILE A 74 -31.79 5.80 20.99
N THR A 75 -30.54 5.96 21.40
CA THR A 75 -30.16 6.39 22.72
C THR A 75 -29.69 7.83 22.61
N PHE A 76 -29.94 8.67 23.62
CA PHE A 76 -29.52 10.10 23.55
C PHE A 76 -29.45 10.88 24.84
N HIS A 77 -28.59 11.91 24.87
CA HIS A 77 -28.42 12.80 26.03
C HIS A 77 -28.31 14.26 25.61
N ASN A 78 -29.39 15.00 25.76
CA ASN A 78 -29.43 16.38 25.29
C ASN A 78 -29.05 16.46 23.83
N GLU A 79 -29.83 15.77 23.00
CA GLU A 79 -29.77 15.92 21.55
C GLU A 79 -30.63 17.11 21.16
N ALA A 80 -30.27 17.74 20.05
CA ALA A 80 -31.10 18.79 19.47
C ALA A 80 -32.39 18.21 18.97
N ARG A 81 -33.48 18.85 19.35
CA ARG A 81 -34.79 18.31 19.05
C ARG A 81 -34.97 18.12 17.56
N SER A 82 -34.62 19.13 16.77
CA SER A 82 -34.81 19.03 15.32
C SER A 82 -34.11 17.78 14.76
N ALA A 83 -32.95 17.45 15.35
CA ALA A 83 -32.16 16.30 14.87
C ALA A 83 -32.68 14.99 15.38
N LEU A 84 -33.22 15.01 16.59
CA LEU A 84 -33.72 13.80 17.18
C LEU A 84 -34.91 13.38 16.38
N LEU A 85 -35.82 14.34 16.22
CA LEU A 85 -37.00 14.12 15.40
C LEU A 85 -36.63 13.63 14.00
N ARG A 86 -35.66 14.29 13.39
CA ARG A 86 -35.35 13.96 12.02
C ARG A 86 -34.88 12.51 11.91
N THR A 87 -34.18 12.03 12.92
CA THR A 87 -33.72 10.65 12.91
C THR A 87 -34.93 9.73 12.88
N VAL A 88 -35.83 10.03 13.80
CA VAL A 88 -37.02 9.22 14.03
C VAL A 88 -37.86 9.13 12.77
N VAL A 89 -38.19 10.28 12.19
CA VAL A 89 -39.06 10.20 11.03
C VAL A 89 -38.32 9.52 9.90
N SER A 90 -37.04 9.84 9.77
CA SER A 90 -36.17 9.16 8.80
C SER A 90 -36.38 7.63 8.84
N VAL A 91 -36.29 7.02 10.02
CA VAL A 91 -36.54 5.60 10.13
C VAL A 91 -37.94 5.27 9.62
N LEU A 92 -38.97 5.96 10.15
CA LEU A 92 -40.36 5.63 9.78
C LEU A 92 -40.65 5.83 8.28
N LYS A 93 -40.10 6.89 7.71
CA LYS A 93 -40.36 7.19 6.32
C LYS A 93 -39.69 6.25 5.33
N LYS A 94 -38.47 5.83 5.64
CA LYS A 94 -37.65 5.09 4.69
C LYS A 94 -37.65 3.57 4.92
N SER A 95 -38.25 3.10 6.02
CA SER A 95 -38.30 1.68 6.31
C SER A 95 -39.69 1.15 6.04
N PRO A 96 -39.78 0.03 5.31
CA PRO A 96 -41.11 -0.57 5.15
C PRO A 96 -41.73 -0.75 6.54
N PRO A 97 -42.96 -0.24 6.75
CA PRO A 97 -43.46 -0.21 8.14
C PRO A 97 -43.62 -1.58 8.76
N HIS A 98 -43.77 -2.64 7.96
CA HIS A 98 -43.91 -3.97 8.54
C HIS A 98 -42.62 -4.50 9.14
N LEU A 99 -41.50 -3.93 8.72
CA LEU A 99 -40.22 -4.28 9.31
C LEU A 99 -39.84 -3.42 10.51
N ILE A 100 -40.57 -2.35 10.78
CA ILE A 100 -40.38 -1.61 12.03
C ILE A 100 -41.38 -2.01 13.13
N LYS A 101 -40.93 -2.86 14.07
CA LYS A 101 -41.75 -3.31 15.20
C LYS A 101 -41.97 -2.16 16.13
N GLU A 102 -40.92 -1.40 16.38
CA GLU A 102 -40.98 -0.28 17.29
C GLU A 102 -39.69 0.53 17.19
N ILE A 103 -39.74 1.74 17.72
CA ILE A 103 -38.56 2.61 17.84
C ILE A 103 -38.50 3.01 19.30
N ILE A 104 -37.48 2.52 19.98
CA ILE A 104 -37.32 2.74 21.38
C ILE A 104 -36.33 3.87 21.53
N LEU A 105 -36.76 5.00 22.10
CA LEU A 105 -35.86 6.12 22.38
C LEU A 105 -35.43 6.00 23.82
N VAL A 106 -34.13 5.97 24.09
CA VAL A 106 -33.70 5.94 25.48
C VAL A 106 -33.17 7.30 25.86
N ASP A 107 -33.95 8.06 26.59
CA ASP A 107 -33.50 9.37 27.08
C ASP A 107 -32.52 9.09 28.21
N ASP A 108 -31.24 9.42 28.00
CA ASP A 108 -30.21 9.14 28.99
C ASP A 108 -30.01 10.36 29.87
N TYR A 109 -31.07 10.71 30.59
CA TYR A 109 -31.08 11.80 31.58
C TYR A 109 -30.76 13.10 30.92
N SER A 110 -31.41 13.34 29.77
CA SER A 110 -31.44 14.69 29.15
C SER A 110 -32.00 15.59 30.21
N ASN A 111 -31.78 16.88 30.10
CA ASN A 111 -32.18 17.80 31.17
C ASN A 111 -33.65 18.09 31.12
N ASP A 112 -34.18 18.20 29.91
CA ASP A 112 -35.61 18.43 29.68
C ASP A 112 -36.26 17.13 29.16
N PRO A 113 -37.00 16.42 30.04
CA PRO A 113 -37.54 15.10 29.70
C PRO A 113 -38.45 15.14 28.49
N GLU A 114 -38.99 16.32 28.23
CA GLU A 114 -39.93 16.55 27.14
C GLU A 114 -39.30 16.30 25.76
N ASP A 115 -38.01 16.61 25.63
CA ASP A 115 -37.27 16.32 24.41
C ASP A 115 -37.71 14.92 23.95
N GLY A 116 -37.60 13.94 24.86
CA GLY A 116 -38.06 12.56 24.57
C GLY A 116 -39.57 12.34 24.59
N ALA A 117 -40.19 12.71 25.71
CA ALA A 117 -41.56 12.31 25.97
C ALA A 117 -42.49 12.79 24.91
N LEU A 118 -42.23 13.97 24.36
CA LEU A 118 -43.07 14.52 23.29
C LEU A 118 -43.13 13.65 22.04
N LEU A 119 -42.08 12.87 21.79
CA LEU A 119 -42.02 12.06 20.59
C LEU A 119 -42.79 10.75 20.77
N GLY A 120 -43.04 10.38 22.02
CA GLY A 120 -43.95 9.26 22.34
C GLY A 120 -45.31 9.34 21.65
N LYS A 121 -45.74 10.56 21.33
CA LYS A 121 -46.94 10.78 20.51
C LYS A 121 -46.91 10.19 19.09
N ILE A 122 -45.74 9.89 18.57
CA ILE A 122 -45.65 9.38 17.21
C ILE A 122 -45.86 7.90 17.14
N GLU A 123 -46.37 7.44 16.03
CA GLU A 123 -46.62 6.04 15.80
C GLU A 123 -45.36 5.27 15.97
N LYS A 124 -45.46 4.17 16.68
CA LYS A 124 -44.39 3.21 17.01
C LYS A 124 -43.34 3.58 18.02
N VAL A 125 -43.18 4.85 18.31
CA VAL A 125 -42.18 5.27 19.27
C VAL A 125 -42.52 4.94 20.70
N ARG A 126 -41.54 4.54 21.47
CA ARG A 126 -41.69 4.25 22.88
C ARG A 126 -40.48 4.93 23.47
N VAL A 127 -40.64 5.64 24.55
CA VAL A 127 -39.52 6.36 25.14
C VAL A 127 -39.28 5.96 26.58
N LEU A 128 -38.01 5.72 26.88
CA LEU A 128 -37.57 5.27 28.17
C LEU A 128 -36.68 6.34 28.76
N ARG A 129 -36.76 6.52 30.07
CA ARG A 129 -36.04 7.57 30.77
C ARG A 129 -35.06 6.94 31.75
N ASN A 130 -33.96 7.63 32.01
CA ASN A 130 -33.03 7.16 32.99
C ASN A 130 -33.10 8.14 34.14
N ASP A 131 -33.08 7.63 35.38
CA ASP A 131 -32.87 8.41 36.64
C ASP A 131 -31.69 9.33 36.56
N ARG A 132 -30.66 8.88 35.86
CA ARG A 132 -29.36 9.53 35.88
C ARG A 132 -28.57 9.13 34.64
N ARG A 133 -27.51 9.87 34.35
CA ARG A 133 -26.59 9.53 33.26
C ARG A 133 -26.11 8.12 33.40
N GLU A 134 -26.46 7.28 32.45
CA GLU A 134 -26.00 5.91 32.44
C GLU A 134 -24.96 5.70 31.34
N GLY A 135 -24.91 6.63 30.39
CA GLY A 135 -24.02 6.52 29.26
C GLY A 135 -24.65 5.72 28.16
N LEU A 136 -23.95 5.65 27.04
CA LEU A 136 -24.46 5.04 25.81
C LEU A 136 -24.51 3.52 25.92
N MET A 137 -23.45 2.92 26.47
CA MET A 137 -23.35 1.47 26.56
C MET A 137 -24.55 0.99 27.35
N ARG A 138 -24.70 1.44 28.59
CA ARG A 138 -25.83 0.99 29.45
C ARG A 138 -27.22 1.33 28.90
N SER A 139 -27.35 2.50 28.32
CA SER A 139 -28.58 2.87 27.64
C SER A 139 -28.96 1.91 26.49
N ARG A 140 -27.98 1.58 25.66
CA ARG A 140 -28.25 0.63 24.61
C ARG A 140 -28.71 -0.70 25.14
N VAL A 141 -28.12 -1.12 26.26
CA VAL A 141 -28.48 -2.40 26.87
C VAL A 141 -29.92 -2.34 27.38
N ARG A 142 -30.29 -1.17 27.90
CA ARG A 142 -31.64 -0.98 28.38
C ARG A 142 -32.62 -1.10 27.24
N GLY A 143 -32.31 -0.44 26.13
CA GLY A 143 -33.18 -0.44 24.95
C GLY A 143 -33.29 -1.85 24.41
N ALA A 144 -32.16 -2.53 24.36
CA ALA A 144 -32.11 -3.89 23.83
C ALA A 144 -33.03 -4.78 24.63
N ASP A 145 -32.99 -4.63 25.94
CA ASP A 145 -33.78 -5.46 26.82
C ASP A 145 -35.27 -5.20 26.68
N ALA A 146 -35.61 -3.94 26.50
CA ALA A 146 -37.00 -3.56 26.29
C ALA A 146 -37.53 -3.95 24.95
N ALA A 147 -36.66 -4.33 24.03
CA ALA A 147 -37.09 -4.60 22.66
C ALA A 147 -37.88 -5.89 22.56
N GLN A 148 -38.79 -5.90 21.60
CA GLN A 148 -39.75 -6.98 21.44
C GLN A 148 -39.45 -7.78 20.21
N ALA A 149 -38.68 -7.20 19.30
CA ALA A 149 -38.47 -7.80 18.02
C ALA A 149 -37.31 -8.74 18.17
N LYS A 150 -37.14 -9.59 17.17
CA LYS A 150 -36.02 -10.56 17.14
C LYS A 150 -34.66 -9.96 16.79
N VAL A 151 -34.66 -8.77 16.20
CA VAL A 151 -33.44 -8.17 15.68
C VAL A 151 -33.32 -6.73 16.12
N LEU A 152 -32.12 -6.35 16.51
CA LEU A 152 -31.87 -5.01 17.01
C LEU A 152 -31.24 -4.12 15.96
N THR A 153 -31.64 -2.86 15.94
CA THR A 153 -31.00 -1.88 15.13
C THR A 153 -30.66 -0.71 16.01
N PHE A 154 -29.37 -0.41 16.12
CA PHE A 154 -28.91 0.72 16.90
C PHE A 154 -28.52 1.88 16.02
N LEU A 155 -29.02 3.07 16.35
CA LEU A 155 -28.67 4.30 15.63
C LEU A 155 -28.39 5.49 16.57
N ASP A 156 -27.54 6.41 16.13
CA ASP A 156 -27.33 7.61 16.89
C ASP A 156 -28.58 8.50 16.74
N SER A 157 -28.73 9.44 17.67
CA SER A 157 -29.82 10.39 17.70
C SER A 157 -29.69 11.51 16.66
N HIS A 158 -28.70 11.40 15.79
CA HIS A 158 -28.48 12.39 14.72
C HIS A 158 -28.13 11.70 13.42
N CYS A 159 -29.00 10.81 12.97
CA CYS A 159 -28.82 10.14 11.72
C CYS A 159 -29.98 10.42 10.77
N GLU A 160 -29.78 10.07 9.50
CA GLU A 160 -30.84 10.16 8.49
C GLU A 160 -30.67 8.98 7.55
N CYS A 161 -31.57 8.02 7.63
CA CYS A 161 -31.55 6.84 6.78
C CYS A 161 -31.96 7.19 5.35
N ASN A 162 -31.26 6.57 4.39
CA ASN A 162 -31.46 6.79 2.96
C ASN A 162 -32.35 5.66 2.39
N GLU A 163 -32.60 5.65 1.08
CA GLU A 163 -33.43 4.63 0.44
C GLU A 163 -33.05 3.23 0.85
N HIS A 164 -34.06 2.39 1.06
CA HIS A 164 -33.90 0.96 1.27
C HIS A 164 -32.64 0.61 2.06
N TRP A 165 -32.51 1.34 3.17
CA TRP A 165 -31.36 1.21 4.04
C TRP A 165 -31.41 -0.05 4.87
N LEU A 166 -32.61 -0.50 5.21
CA LEU A 166 -32.79 -1.51 6.24
C LEU A 166 -32.82 -2.93 5.70
N GLU A 167 -33.46 -3.14 4.56
CA GLU A 167 -33.59 -4.51 4.03
C GLU A 167 -32.23 -5.20 3.85
N PRO A 168 -31.25 -4.49 3.28
CA PRO A 168 -29.96 -5.15 3.11
C PRO A 168 -29.34 -5.56 4.41
N LEU A 169 -29.52 -4.78 5.47
CA LEU A 169 -28.93 -5.17 6.76
C LEU A 169 -29.61 -6.46 7.27
N LEU A 170 -30.93 -6.46 7.26
CA LEU A 170 -31.71 -7.57 7.78
C LEU A 170 -31.52 -8.84 6.97
N GLU A 171 -31.38 -8.70 5.66
CA GLU A 171 -31.13 -9.84 4.79
C GLU A 171 -29.93 -10.62 5.30
N ARG A 172 -28.91 -9.89 5.77
CA ARG A 172 -27.65 -10.47 6.21
C ARG A 172 -27.74 -11.23 7.54
N VAL A 173 -28.35 -10.59 8.54
CA VAL A 173 -28.54 -11.26 9.83
C VAL A 173 -29.53 -12.41 9.74
N ALA A 174 -30.57 -12.25 8.93
CA ALA A 174 -31.55 -13.31 8.72
C ALA A 174 -30.82 -14.57 8.26
N GLU A 175 -29.90 -14.41 7.30
CA GLU A 175 -29.19 -15.54 6.69
C GLU A 175 -28.18 -16.18 7.64
N ASP A 176 -27.57 -15.38 8.53
CA ASP A 176 -26.60 -15.89 9.52
C ASP A 176 -26.60 -14.99 10.75
N ARG A 177 -27.14 -15.50 11.85
CA ARG A 177 -27.32 -14.72 13.13
C ARG A 177 -26.03 -14.11 13.67
N THR A 178 -24.90 -14.67 13.28
CA THR A 178 -23.63 -14.27 13.88
C THR A 178 -22.98 -13.07 13.17
N ARG A 179 -23.60 -12.57 12.10
CA ARG A 179 -23.15 -11.34 11.46
C ARG A 179 -23.65 -10.11 12.21
N VAL A 180 -22.78 -9.11 12.31
CA VAL A 180 -23.13 -7.83 12.92
C VAL A 180 -22.85 -6.81 11.85
N VAL A 181 -23.89 -6.19 11.31
CA VAL A 181 -23.72 -5.50 10.05
C VAL A 181 -23.97 -4.02 10.19
N SER A 182 -23.17 -3.25 9.46
CA SER A 182 -23.24 -1.81 9.48
C SER A 182 -23.51 -1.27 8.09
N PRO A 183 -24.23 -0.16 8.02
CA PRO A 183 -24.37 0.51 6.73
C PRO A 183 -23.13 1.31 6.44
N ILE A 184 -22.97 1.74 5.20
CA ILE A 184 -22.02 2.81 4.95
C ILE A 184 -22.60 4.04 5.68
N ILE A 185 -21.74 4.75 6.39
CA ILE A 185 -22.16 5.92 7.10
C ILE A 185 -21.81 7.19 6.30
N ASP A 186 -22.80 7.75 5.63
CA ASP A 186 -22.62 9.03 4.95
C ASP A 186 -22.43 10.13 5.97
N VAL A 187 -22.07 11.31 5.51
CA VAL A 187 -21.71 12.40 6.36
C VAL A 187 -22.68 13.51 6.22
N ILE A 188 -23.20 13.95 7.35
CA ILE A 188 -24.05 15.12 7.40
C ILE A 188 -23.19 16.20 8.05
N ASN A 189 -22.99 17.31 7.35
CA ASN A 189 -22.07 18.31 7.80
C ASN A 189 -22.62 19.02 9.02
N MET A 190 -21.82 19.13 10.08
CA MET A 190 -22.31 19.72 11.35
C MET A 190 -22.67 21.21 11.22
N ASP A 191 -22.07 21.89 10.25
CA ASP A 191 -22.32 23.31 10.06
C ASP A 191 -23.48 23.59 9.13
N ASN A 192 -23.50 22.98 7.95
CA ASN A 192 -24.51 23.32 6.95
C ASN A 192 -25.51 22.19 6.64
N PHE A 193 -25.32 21.02 7.23
CA PHE A 193 -26.26 19.91 7.06
C PHE A 193 -26.46 19.42 5.63
N GLN A 194 -25.48 19.65 4.77
CA GLN A 194 -25.38 18.97 3.49
C GLN A 194 -25.16 17.45 3.76
N TYR A 195 -25.95 16.62 3.11
CA TYR A 195 -25.80 15.19 3.24
C TYR A 195 -24.83 14.82 2.15
N VAL A 196 -23.75 14.14 2.52
CA VAL A 196 -22.64 13.84 1.63
C VAL A 196 -22.29 12.35 1.61
N GLY A 197 -22.24 11.73 0.43
CA GLY A 197 -21.89 10.31 0.33
C GLY A 197 -20.44 9.96 0.74
N ALA A 198 -20.27 8.96 1.62
CA ALA A 198 -18.95 8.47 2.02
C ALA A 198 -18.44 7.45 1.03
N SER A 199 -17.21 6.98 1.20
CA SER A 199 -16.69 5.98 0.25
C SER A 199 -17.19 4.61 0.57
N ALA A 200 -17.30 3.77 -0.45
CA ALA A 200 -17.66 2.37 -0.25
C ALA A 200 -16.46 1.45 -0.42
N ASP A 201 -15.26 2.02 -0.43
CA ASP A 201 -14.07 1.27 -0.80
C ASP A 201 -13.13 1.17 0.39
N LEU A 202 -13.68 1.25 1.60
CA LEU A 202 -12.86 1.28 2.81
C LEU A 202 -13.33 0.35 3.92
N LYS A 203 -12.42 0.03 4.81
CA LYS A 203 -12.63 -0.91 5.88
C LYS A 203 -12.21 -0.22 7.15
N GLY A 204 -12.84 -0.57 8.25
CA GLY A 204 -12.38 -0.10 9.55
C GLY A 204 -11.09 -0.80 9.98
N GLY A 205 -10.19 -0.05 10.56
CA GLY A 205 -8.93 -0.59 11.08
C GLY A 205 -8.44 0.14 12.32
N PHE A 206 -7.16 -0.01 12.63
CA PHE A 206 -6.55 0.77 13.70
C PHE A 206 -5.05 0.61 13.72
N ASP A 207 -4.42 1.49 14.50
CA ASP A 207 -2.99 1.43 14.75
C ASP A 207 -2.79 0.94 16.18
N TRP A 208 -1.52 0.69 16.53
CA TRP A 208 -1.20 0.11 17.83
C TRP A 208 -1.57 1.00 19.01
N ASN A 209 -1.76 2.29 18.76
CA ASN A 209 -2.40 3.18 19.74
C ASN A 209 -3.91 2.98 19.88
N LEU A 210 -4.47 1.95 19.23
CA LEU A 210 -5.92 1.65 19.29
C LEU A 210 -6.82 2.83 18.90
N VAL A 211 -6.34 3.59 17.92
CA VAL A 211 -7.06 4.72 17.36
C VAL A 211 -7.58 4.27 16.00
N PHE A 212 -8.91 4.30 15.85
CA PHE A 212 -9.54 4.00 14.55
C PHE A 212 -8.92 4.70 13.34
N LYS A 213 -8.63 3.93 12.28
CA LYS A 213 -8.32 4.46 10.96
C LYS A 213 -9.02 3.70 9.85
N TRP A 214 -9.09 4.30 8.65
CA TRP A 214 -9.71 3.64 7.52
C TRP A 214 -8.63 3.08 6.66
N ASP A 215 -8.92 1.95 6.04
CA ASP A 215 -7.94 1.25 5.23
C ASP A 215 -8.53 1.11 3.84
N TYR A 216 -7.65 1.08 2.86
CA TYR A 216 -8.00 0.67 1.53
C TYR A 216 -8.21 -0.82 1.59
N MET A 217 -8.92 -1.36 0.63
CA MET A 217 -9.07 -2.80 0.60
C MET A 217 -7.91 -3.54 0.01
N THR A 218 -7.90 -4.81 0.36
CA THR A 218 -6.87 -5.69 -0.09
C THR A 218 -6.85 -5.58 -1.63
N PRO A 219 -5.70 -5.19 -2.24
CA PRO A 219 -5.55 -5.40 -3.70
C PRO A 219 -6.15 -6.75 -4.13
N GLU A 220 -6.02 -7.76 -3.27
CA GLU A 220 -6.71 -9.05 -3.44
C GLU A 220 -8.21 -8.83 -3.29
N GLN A 221 -8.63 -8.35 -2.12
CA GLN A 221 -10.03 -8.01 -1.89
C GLN A 221 -10.70 -7.16 -2.99
N ARG A 222 -9.95 -6.27 -3.65
CA ARG A 222 -10.54 -5.45 -4.70
C ARG A 222 -10.92 -6.31 -5.90
N ARG A 223 -9.96 -7.04 -6.44
CA ARG A 223 -10.26 -8.11 -7.42
C ARG A 223 -11.53 -8.89 -7.03
N SER A 224 -11.54 -9.55 -5.85
CA SER A 224 -12.73 -10.27 -5.35
C SER A 224 -14.04 -9.58 -5.72
N ARG A 225 -14.08 -8.27 -5.50
CA ARG A 225 -15.31 -7.47 -5.61
C ARG A 225 -15.64 -7.05 -7.06
N GLN A 226 -14.76 -7.35 -8.02
CA GLN A 226 -14.96 -6.99 -9.45
C GLN A 226 -16.30 -7.55 -9.94
N GLY A 227 -16.53 -8.83 -9.67
CA GLY A 227 -17.77 -9.50 -10.03
C GLY A 227 -19.04 -8.96 -9.35
N ASN A 228 -18.90 -8.28 -8.22
CA ASN A 228 -20.06 -7.71 -7.52
C ASN A 228 -19.63 -6.55 -6.63
N PRO A 229 -19.70 -5.31 -7.14
CA PRO A 229 -19.17 -4.11 -6.45
C PRO A 229 -19.93 -3.66 -5.17
N VAL A 230 -21.11 -4.22 -4.94
CA VAL A 230 -21.88 -3.90 -3.75
C VAL A 230 -21.98 -5.08 -2.78
N ALA A 231 -21.14 -6.08 -2.95
CA ALA A 231 -21.08 -7.21 -2.04
C ALA A 231 -20.79 -6.72 -0.65
N PRO A 232 -21.27 -7.44 0.37
CA PRO A 232 -20.84 -7.11 1.73
C PRO A 232 -19.34 -7.16 1.82
N ILE A 233 -18.78 -6.49 2.81
CA ILE A 233 -17.36 -6.46 2.99
C ILE A 233 -17.06 -6.70 4.47
N LYS A 234 -16.28 -7.75 4.75
CA LYS A 234 -15.87 -8.02 6.11
C LYS A 234 -14.97 -6.90 6.60
N THR A 235 -15.08 -6.52 7.87
CA THR A 235 -14.32 -5.38 8.40
C THR A 235 -13.76 -5.75 9.78
N PRO A 236 -12.48 -5.49 10.01
CA PRO A 236 -11.87 -5.86 11.30
C PRO A 236 -12.40 -5.10 12.51
N MET A 237 -12.85 -3.87 12.27
CA MET A 237 -13.15 -2.89 13.29
C MET A 237 -14.41 -2.15 12.86
N ILE A 238 -15.35 -2.02 13.77
CA ILE A 238 -16.64 -1.43 13.44
C ILE A 238 -16.44 0.07 13.41
N ALA A 239 -17.08 0.70 12.44
CA ALA A 239 -16.99 2.15 12.22
C ALA A 239 -17.54 2.89 13.43
N GLY A 240 -18.62 2.37 14.01
CA GLY A 240 -18.97 2.74 15.37
C GLY A 240 -20.28 2.19 15.89
N GLY A 241 -21.34 2.98 15.78
CA GLY A 241 -22.55 2.71 16.53
C GLY A 241 -23.78 2.41 15.70
N LEU A 242 -23.78 2.68 14.42
CA LEU A 242 -24.92 2.28 13.62
C LEU A 242 -24.65 0.85 13.26
N PHE A 243 -25.45 -0.07 13.73
CA PHE A 243 -25.37 -1.46 13.29
C PHE A 243 -26.58 -2.28 13.68
N VAL A 244 -26.66 -3.48 13.11
CA VAL A 244 -27.81 -4.34 13.23
C VAL A 244 -27.34 -5.69 13.71
N MET A 245 -28.06 -6.27 14.66
CA MET A 245 -27.62 -7.47 15.33
C MET A 245 -28.82 -8.31 15.81
N ASP A 246 -28.77 -9.63 15.58
CA ASP A 246 -29.72 -10.54 16.18
C ASP A 246 -29.73 -10.29 17.67
N LYS A 247 -30.91 -10.20 18.25
CA LYS A 247 -31.07 -9.88 19.67
C LYS A 247 -30.49 -10.95 20.58
N PHE A 248 -30.83 -12.20 20.31
CA PHE A 248 -30.24 -13.32 21.04
C PHE A 248 -28.72 -13.23 21.00
N TYR A 249 -28.15 -13.15 19.80
CA TYR A 249 -26.69 -13.14 19.64
C TYR A 249 -26.12 -12.03 20.48
N PHE A 250 -26.75 -10.84 20.41
CA PHE A 250 -26.30 -9.70 21.20
C PHE A 250 -26.13 -10.06 22.65
N GLU A 251 -27.12 -10.75 23.20
CA GLU A 251 -27.15 -11.13 24.61
C GLU A 251 -26.16 -12.27 24.91
N GLU A 252 -26.19 -13.29 24.08
CA GLU A 252 -25.24 -14.38 24.17
C GLU A 252 -23.80 -13.90 24.25
N LEU A 253 -23.38 -13.05 23.32
CA LEU A 253 -22.00 -12.55 23.33
C LEU A 253 -21.71 -11.52 24.40
N GLY A 254 -22.69 -11.26 25.26
CA GLY A 254 -22.43 -10.41 26.40
C GLY A 254 -22.64 -8.95 26.13
N LYS A 255 -23.57 -8.63 25.24
CA LYS A 255 -24.17 -7.30 25.23
C LYS A 255 -23.10 -6.25 25.02
N TYR A 256 -22.91 -5.35 26.01
CA TYR A 256 -21.78 -4.42 26.08
C TYR A 256 -21.14 -4.54 27.45
N ASP A 257 -19.95 -3.95 27.59
CA ASP A 257 -19.24 -3.98 28.87
C ASP A 257 -19.84 -2.89 29.74
N MET A 258 -20.71 -3.30 30.66
CA MET A 258 -21.49 -2.35 31.47
C MET A 258 -20.59 -1.39 32.30
N MET A 259 -19.34 -1.79 32.54
CA MET A 259 -18.36 -0.99 33.28
C MET A 259 -17.68 0.12 32.45
N MET A 260 -18.08 0.29 31.20
CA MET A 260 -17.47 1.33 30.38
C MET A 260 -18.16 2.67 30.61
N ASP A 261 -17.31 3.67 30.73
CA ASP A 261 -17.66 5.04 30.95
C ASP A 261 -17.87 5.68 29.62
N VAL A 262 -18.63 6.74 29.65
CA VAL A 262 -19.00 7.46 28.48
C VAL A 262 -17.94 8.22 27.67
N TRP A 263 -16.90 7.56 27.18
CA TRP A 263 -15.92 8.28 26.35
C TRP A 263 -15.54 7.50 25.09
N GLY A 264 -16.34 6.49 24.73
CA GLY A 264 -16.09 5.73 23.52
C GLY A 264 -15.24 4.47 23.61
N GLY A 265 -14.61 4.11 22.50
CA GLY A 265 -13.74 2.92 22.46
C GLY A 265 -14.43 1.59 22.84
N GLU A 266 -15.77 1.56 22.92
CA GLU A 266 -16.54 0.31 22.98
C GLU A 266 -16.59 -0.41 21.61
N ASN A 267 -16.22 0.37 20.60
CA ASN A 267 -16.03 -0.11 19.25
C ASN A 267 -14.94 -1.15 19.12
N LEU A 268 -13.82 -0.87 19.77
CA LEU A 268 -12.70 -1.83 19.87
C LEU A 268 -13.15 -3.14 20.50
N GLU A 269 -13.77 -3.00 21.67
CA GLU A 269 -14.16 -4.15 22.46
C GLU A 269 -15.18 -4.99 21.71
N ILE A 270 -16.17 -4.36 21.06
CA ILE A 270 -17.20 -5.17 20.41
C ILE A 270 -16.62 -5.84 19.17
N SER A 271 -15.75 -5.11 18.48
CA SER A 271 -15.13 -5.66 17.28
C SER A 271 -14.27 -6.88 17.62
N PHE A 272 -13.37 -6.70 18.57
CA PHE A 272 -12.56 -7.81 19.05
C PHE A 272 -13.44 -8.99 19.46
N ARG A 273 -14.43 -8.70 20.28
CA ARG A 273 -15.29 -9.75 20.85
C ARG A 273 -16.06 -10.53 19.81
N VAL A 274 -16.72 -9.85 18.87
CA VAL A 274 -17.49 -10.57 17.87
C VAL A 274 -16.61 -11.49 17.04
N TRP A 275 -15.51 -10.94 16.53
CA TRP A 275 -14.58 -11.70 15.68
C TRP A 275 -13.96 -12.88 16.44
N GLN A 276 -13.41 -12.57 17.61
CA GLN A 276 -12.68 -13.56 18.39
C GLN A 276 -13.62 -14.66 18.89
N CYS A 277 -14.88 -14.31 19.15
CA CYS A 277 -15.78 -15.29 19.72
C CYS A 277 -16.64 -15.99 18.69
N GLY A 278 -16.32 -15.83 17.41
CA GLY A 278 -16.93 -16.64 16.35
C GLY A 278 -17.86 -15.94 15.40
N GLY A 279 -18.12 -14.67 15.67
CA GLY A 279 -18.95 -13.87 14.79
C GLY A 279 -18.16 -13.17 13.72
N SER A 280 -18.85 -12.33 12.96
CA SER A 280 -18.20 -11.50 11.96
C SER A 280 -18.82 -10.10 11.94
N LEU A 281 -18.03 -9.12 11.46
CA LEU A 281 -18.47 -7.75 11.25
C LEU A 281 -18.58 -7.48 9.78
N GLU A 282 -19.58 -6.73 9.35
CA GLU A 282 -19.71 -6.39 7.93
C GLU A 282 -20.15 -4.98 7.67
N ILE A 283 -19.83 -4.48 6.50
CA ILE A 283 -20.28 -3.20 6.03
C ILE A 283 -21.02 -3.47 4.75
N ILE A 284 -22.25 -3.00 4.66
CA ILE A 284 -23.14 -3.37 3.61
C ILE A 284 -23.36 -2.17 2.70
N PRO A 285 -22.73 -2.19 1.51
CA PRO A 285 -22.63 -0.97 0.72
C PRO A 285 -23.96 -0.42 0.27
N CYS A 286 -24.95 -1.30 0.08
CA CYS A 286 -26.26 -0.81 -0.34
C CYS A 286 -27.07 -0.16 0.77
N SER A 287 -26.57 -0.24 2.01
CA SER A 287 -27.21 0.37 3.16
C SER A 287 -26.54 1.69 3.54
N ARG A 288 -27.31 2.78 3.46
CA ARG A 288 -26.76 4.12 3.67
C ARG A 288 -27.50 4.87 4.76
N VAL A 289 -26.75 5.34 5.75
CA VAL A 289 -27.30 6.17 6.76
C VAL A 289 -26.37 7.32 7.04
N GLY A 290 -26.90 8.53 6.89
CA GLY A 290 -26.12 9.73 7.19
C GLY A 290 -25.92 9.85 8.68
N HIS A 291 -24.85 10.52 9.06
CA HIS A 291 -24.56 10.79 10.44
C HIS A 291 -23.99 12.19 10.57
N VAL A 292 -24.25 12.85 11.68
CA VAL A 292 -23.71 14.16 11.94
C VAL A 292 -22.47 13.95 12.76
N PHE A 293 -21.32 14.22 12.18
CA PHE A 293 -20.06 14.00 12.85
C PHE A 293 -19.68 15.24 13.66
N ARG A 294 -19.19 15.00 14.86
CA ARG A 294 -18.74 16.08 15.70
C ARG A 294 -17.43 16.59 15.13
N LYS A 295 -16.88 17.63 15.73
CA LYS A 295 -15.61 18.12 15.22
C LYS A 295 -14.54 17.16 15.71
N GLN A 296 -13.51 16.99 14.88
CA GLN A 296 -12.37 16.13 15.19
C GLN A 296 -12.66 14.64 15.46
N HIS A 297 -13.90 14.18 15.29
CA HIS A 297 -14.13 12.73 15.46
C HIS A 297 -13.13 11.90 14.61
N PRO A 298 -12.54 10.79 15.16
CA PRO A 298 -11.56 9.93 14.43
C PRO A 298 -12.00 9.29 13.08
N TYR A 299 -13.31 9.16 12.84
CA TYR A 299 -13.87 8.78 11.53
C TYR A 299 -13.52 9.87 10.48
N THR A 300 -13.73 11.15 10.85
CA THR A 300 -13.44 12.32 9.98
C THR A 300 -11.97 12.86 10.06
N PHE A 301 -11.47 13.21 11.26
CA PHE A 301 -10.07 13.66 11.37
C PHE A 301 -9.14 12.50 11.74
N PRO A 302 -8.26 12.07 10.79
CA PRO A 302 -7.42 10.86 10.84
C PRO A 302 -7.21 10.19 12.21
N VAL A 308 -7.01 11.05 24.10
CA VAL A 308 -7.45 9.70 24.46
C VAL A 308 -7.62 9.53 26.00
N PHE A 309 -8.85 9.28 26.48
CA PHE A 309 -9.06 8.76 27.85
C PHE A 309 -9.24 7.23 27.77
N ALA A 310 -8.32 6.54 28.44
CA ALA A 310 -8.00 5.16 28.13
C ALA A 310 -8.87 4.12 28.80
N ARG A 311 -9.71 4.50 29.75
CA ARG A 311 -10.39 3.50 30.55
C ARG A 311 -10.97 2.41 29.67
N ASN A 312 -11.84 2.83 28.76
CA ASN A 312 -12.53 1.90 27.89
C ASN A 312 -11.54 1.16 27.01
N THR A 313 -10.56 1.88 26.52
CA THR A 313 -9.56 1.27 25.69
C THR A 313 -8.75 0.22 26.44
N ARG A 314 -8.46 0.45 27.72
CA ARG A 314 -7.71 -0.52 28.52
C ARG A 314 -8.58 -1.73 28.79
N ARG A 315 -9.85 -1.48 29.03
CA ARG A 315 -10.77 -2.56 29.30
C ARG A 315 -10.85 -3.49 28.09
N ALA A 316 -10.67 -2.95 26.91
CA ALA A 316 -10.67 -3.75 25.71
C ALA A 316 -9.38 -4.51 25.63
N ALA A 317 -8.29 -3.77 25.75
CA ALA A 317 -6.96 -4.33 25.55
C ALA A 317 -6.59 -5.39 26.59
N GLU A 318 -7.00 -5.20 27.84
CA GLU A 318 -6.65 -6.12 28.92
C GLU A 318 -7.48 -7.41 28.91
N VAL A 319 -8.55 -7.45 28.15
CA VAL A 319 -9.40 -8.61 28.13
C VAL A 319 -9.19 -9.36 26.86
N TRP A 320 -9.00 -8.65 25.75
CA TRP A 320 -9.03 -9.25 24.42
C TRP A 320 -7.69 -9.41 23.70
N MET A 321 -6.75 -8.52 23.96
CA MET A 321 -5.49 -8.52 23.23
C MET A 321 -4.33 -9.37 23.69
N ASP A 322 -4.63 -10.23 24.63
CA ASP A 322 -3.67 -11.12 25.20
C ASP A 322 -2.46 -10.30 25.43
N GLU A 323 -1.31 -10.81 25.05
CA GLU A 323 -0.08 -10.09 25.30
C GLU A 323 0.23 -8.99 24.32
N TYR A 324 -0.57 -8.81 23.29
CA TYR A 324 -0.33 -7.76 22.33
C TYR A 324 -0.69 -6.44 22.97
N LYS A 325 -1.43 -6.49 24.03
CA LYS A 325 -1.70 -5.24 24.74
C LYS A 325 -0.40 -4.45 24.91
N ASN A 326 0.75 -5.15 24.95
CA ASN A 326 2.01 -4.46 25.21
C ASN A 326 2.45 -3.57 24.07
N PHE A 327 1.92 -3.80 22.88
CA PHE A 327 2.15 -2.90 21.78
C PHE A 327 1.30 -1.64 21.93
N TYR A 328 0.11 -1.77 22.49
CA TYR A 328 -0.70 -0.59 22.81
C TYR A 328 0.04 0.28 23.79
N TYR A 329 0.53 -0.31 24.88
CA TYR A 329 1.26 0.45 25.87
C TYR A 329 2.63 0.91 25.34
N ALA A 330 3.16 0.24 24.33
CA ALA A 330 4.38 0.73 23.67
C ALA A 330 4.07 2.01 22.90
N ALA A 331 2.92 2.05 22.26
CA ALA A 331 2.47 3.24 21.56
C ALA A 331 2.00 4.31 22.53
N VAL A 332 1.48 3.88 23.69
CA VAL A 332 0.84 4.80 24.63
C VAL A 332 1.22 4.46 26.09
N PRO A 333 2.44 4.86 26.53
CA PRO A 333 2.87 4.59 27.91
C PRO A 333 2.02 5.29 28.94
N SER A 334 1.54 6.49 28.60
CA SER A 334 0.61 7.27 29.44
C SER A 334 -0.49 6.39 29.99
N ALA A 335 -0.90 5.41 29.18
CA ALA A 335 -2.07 4.61 29.48
C ALA A 335 -1.85 3.63 30.62
N ARG A 336 -0.60 3.24 30.90
CA ARG A 336 -0.33 2.28 31.99
C ARG A 336 -0.77 2.81 33.35
N ASN A 337 -0.94 4.13 33.48
CA ASN A 337 -1.33 4.80 34.74
C ASN A 337 -2.81 5.09 34.91
N VAL A 338 -3.60 4.76 33.91
CA VAL A 338 -5.04 5.05 33.94
C VAL A 338 -5.80 3.89 34.57
N PRO A 339 -6.43 4.12 35.74
CA PRO A 339 -7.07 2.96 36.37
C PRO A 339 -8.30 2.62 35.55
N TYR A 340 -8.64 1.34 35.50
CA TYR A 340 -9.63 0.87 34.53
C TYR A 340 -10.75 -0.02 35.05
N GLY A 341 -10.80 -0.25 36.36
CA GLY A 341 -11.88 -0.97 36.99
C GLY A 341 -11.71 -2.47 36.97
N ASN A 342 -12.71 -3.16 37.48
CA ASN A 342 -12.69 -4.59 37.57
C ASN A 342 -13.12 -5.17 36.21
N ILE A 343 -12.34 -6.10 35.69
CA ILE A 343 -12.62 -6.70 34.38
C ILE A 343 -12.84 -8.20 34.49
N GLN A 344 -13.22 -8.65 35.68
CA GLN A 344 -13.26 -10.07 35.98
C GLN A 344 -14.46 -10.71 35.29
N SER A 345 -15.60 -10.04 35.28
CA SER A 345 -16.78 -10.69 34.73
C SER A 345 -16.57 -10.82 33.23
N ARG A 346 -15.88 -9.83 32.66
CA ARG A 346 -15.53 -9.86 31.24
C ARG A 346 -14.51 -10.96 30.86
N LEU A 347 -13.49 -11.16 31.67
CA LEU A 347 -12.56 -12.25 31.46
C LEU A 347 -13.24 -13.61 31.55
N GLU A 348 -14.28 -13.69 32.35
CA GLU A 348 -14.99 -14.93 32.55
C GLU A 348 -15.86 -15.19 31.33
N LEU A 349 -16.50 -14.13 30.83
CA LEU A 349 -17.26 -14.19 29.57
C LEU A 349 -16.42 -14.78 28.45
N ARG A 350 -15.17 -14.30 28.33
CA ARG A 350 -14.27 -14.74 27.28
C ARG A 350 -13.97 -16.23 27.38
N LYS A 351 -13.69 -16.69 28.61
CA LYS A 351 -13.46 -18.11 28.93
C LYS A 351 -14.64 -18.98 28.52
N LYS A 352 -15.84 -18.57 28.95
CA LYS A 352 -17.08 -19.29 28.66
C LYS A 352 -17.32 -19.39 27.15
N LEU A 353 -17.02 -18.34 26.41
CA LEU A 353 -17.25 -18.36 24.98
C LEU A 353 -16.16 -19.06 24.19
N SER A 354 -15.12 -19.53 24.87
CA SER A 354 -13.99 -20.21 24.23
C SER A 354 -13.50 -19.38 23.06
N CYS A 355 -13.32 -18.10 23.29
CA CYS A 355 -12.92 -17.21 22.21
C CYS A 355 -11.47 -17.45 21.89
N LYS A 356 -11.15 -17.32 20.60
CA LYS A 356 -9.82 -17.53 20.08
C LYS A 356 -8.92 -16.40 20.53
N PRO A 357 -7.62 -16.62 20.51
CA PRO A 357 -6.76 -15.56 21.04
C PRO A 357 -6.56 -14.41 20.06
N PHE A 358 -6.07 -13.28 20.55
CA PHE A 358 -5.82 -12.13 19.68
C PHE A 358 -4.89 -12.53 18.54
N LYS A 359 -3.91 -13.38 18.83
CA LYS A 359 -2.99 -13.80 17.79
C LYS A 359 -3.74 -14.29 16.55
N TRP A 360 -4.85 -14.97 16.80
CA TRP A 360 -5.72 -15.49 15.74
C TRP A 360 -6.40 -14.36 14.97
N TYR A 361 -6.84 -13.33 15.70
CA TYR A 361 -7.51 -12.19 15.09
C TYR A 361 -6.58 -11.50 14.11
N LEU A 362 -5.34 -11.28 14.55
CA LEU A 362 -4.33 -10.65 13.72
C LEU A 362 -4.04 -11.48 12.48
N GLU A 363 -3.88 -12.78 12.64
CA GLU A 363 -3.58 -13.63 11.50
C GLU A 363 -4.77 -13.73 10.53
N ASN A 364 -6.00 -13.86 11.05
CA ASN A 364 -7.15 -14.15 10.20
C ASN A 364 -8.06 -13.00 9.89
N VAL A 365 -8.22 -12.06 10.81
CA VAL A 365 -9.13 -10.94 10.63
C VAL A 365 -8.43 -9.66 10.16
N TYR A 366 -7.23 -9.36 10.67
CA TYR A 366 -6.52 -8.11 10.35
C TYR A 366 -5.03 -8.36 10.06
N PRO A 367 -4.73 -9.19 9.07
CA PRO A 367 -3.33 -9.51 8.74
C PRO A 367 -2.54 -8.34 8.21
N GLU A 368 -3.22 -7.32 7.70
CA GLU A 368 -2.52 -6.18 7.16
C GLU A 368 -1.95 -5.26 8.25
N LEU A 369 -2.37 -5.43 9.51
CA LEU A 369 -1.82 -4.61 10.59
C LEU A 369 -0.43 -5.10 10.91
N ARG A 370 0.55 -4.24 10.74
CA ARG A 370 1.92 -4.63 10.92
C ARG A 370 2.25 -4.88 12.39
N VAL A 371 2.80 -6.04 12.68
CA VAL A 371 3.06 -6.42 14.06
C VAL A 371 4.58 -6.59 14.30
N PRO A 372 5.12 -5.87 15.30
CA PRO A 372 6.55 -6.02 15.57
C PRO A 372 6.92 -7.43 15.94
N ASP A 373 8.16 -7.84 15.64
CA ASP A 373 8.71 -9.09 16.16
C ASP A 373 8.71 -9.00 17.70
N HIS A 374 8.38 -10.09 18.40
CA HIS A 374 8.23 -10.01 19.86
C HIS A 374 9.53 -9.61 20.58
N GLN A 375 10.68 -9.70 19.89
CA GLN A 375 11.97 -9.22 20.43
C GLN A 375 12.48 -7.93 19.74
N ASP A 376 11.58 -7.10 19.20
CA ASP A 376 11.97 -5.79 18.69
C ASP A 376 11.97 -4.84 19.86
N ILE A 377 12.96 -3.97 19.93
CA ILE A 377 13.05 -2.98 21.01
C ILE A 377 12.12 -1.79 20.76
N ALA A 378 12.07 -1.34 19.52
CA ALA A 378 11.18 -0.27 19.10
C ALA A 378 10.74 -0.57 17.68
N PHE A 379 9.62 0.02 17.29
CA PHE A 379 9.05 -0.26 15.98
C PHE A 379 8.24 0.91 15.51
N GLY A 380 8.10 1.02 14.19
CA GLY A 380 7.08 1.86 13.58
C GLY A 380 7.65 2.89 12.66
N ALA A 381 7.22 4.14 12.85
CA ALA A 381 7.85 5.24 12.15
C ALA A 381 8.85 5.82 13.09
N LEU A 382 9.86 6.46 12.54
CA LEU A 382 10.92 7.06 13.33
C LEU A 382 10.89 8.51 12.99
N GLN A 383 10.27 9.29 13.87
CA GLN A 383 9.91 10.62 13.51
C GLN A 383 10.62 11.68 14.31
N GLN A 384 10.79 12.81 13.63
CA GLN A 384 11.47 13.98 14.15
C GLN A 384 10.50 15.11 13.88
N GLY A 385 9.83 15.55 14.96
CA GLY A 385 8.71 16.46 14.83
C GLY A 385 7.68 15.79 13.94
N THR A 386 7.36 16.39 12.81
CA THR A 386 6.37 15.77 11.91
C THR A 386 7.03 15.24 10.67
N ASN A 387 8.35 15.07 10.72
CA ASN A 387 8.99 14.36 9.63
C ASN A 387 9.37 12.95 10.02
N CYS A 388 9.43 12.08 9.03
CA CYS A 388 9.65 10.66 9.28
C CYS A 388 10.85 10.15 8.50
N LEU A 389 11.59 9.23 9.09
CA LEU A 389 12.76 8.60 8.43
C LEU A 389 12.19 7.88 7.21
N ASP A 390 12.77 8.11 6.05
CA ASP A 390 12.20 7.62 4.82
C ASP A 390 13.31 7.05 3.95
N THR A 391 13.07 5.91 3.32
CA THR A 391 14.11 5.28 2.48
C THR A 391 14.30 6.03 1.18
N LEU A 392 13.37 6.93 0.84
CA LEU A 392 13.39 7.64 -0.44
C LEU A 392 13.27 6.68 -1.63
N GLY A 393 12.74 5.49 -1.36
CA GLY A 393 12.74 4.40 -2.33
C GLY A 393 14.10 3.99 -2.84
N HIS A 394 15.09 3.89 -1.95
CA HIS A 394 16.51 3.73 -2.34
C HIS A 394 17.05 2.32 -2.04
N PHE A 395 16.56 1.34 -2.77
CA PHE A 395 16.81 -0.05 -2.41
C PHE A 395 18.11 -0.83 -2.31
N ALA A 396 19.27 -0.17 -2.34
CA ALA A 396 20.57 -0.84 -2.23
C ALA A 396 21.62 0.19 -2.13
N ASP A 397 22.35 0.21 -1.03
CA ASP A 397 23.44 1.15 -0.84
C ASP A 397 23.00 2.57 -1.12
N GLY A 398 21.74 2.86 -0.86
CA GLY A 398 21.23 4.20 -1.06
C GLY A 398 21.37 5.05 0.20
N VAL A 399 21.43 6.36 0.01
CA VAL A 399 21.27 7.28 1.12
C VAL A 399 19.81 7.27 1.55
N VAL A 400 19.58 7.85 2.72
CA VAL A 400 18.29 7.81 3.40
C VAL A 400 17.92 9.26 3.79
N GLY A 401 16.63 9.53 4.00
CA GLY A 401 16.17 10.92 4.20
C GLY A 401 14.92 11.04 5.03
N VAL A 402 14.23 12.17 4.94
CA VAL A 402 12.90 12.29 5.60
C VAL A 402 11.85 12.80 4.63
N TYR A 403 10.59 12.41 4.86
CA TYR A 403 9.42 13.01 4.21
C TYR A 403 8.47 13.37 5.34
N GLU A 404 7.41 14.11 5.01
CA GLU A 404 6.37 14.37 6.01
C GLU A 404 5.77 13.02 6.34
N CYS A 405 5.49 12.80 7.61
CA CYS A 405 4.92 11.55 8.02
C CYS A 405 3.59 11.37 7.35
N HIS A 406 3.31 10.16 6.87
CA HIS A 406 2.01 9.83 6.27
C HIS A 406 1.24 8.65 6.93
N ASN A 407 1.75 8.12 8.04
CA ASN A 407 1.11 7.06 8.85
C ASN A 407 0.55 5.88 8.05
N ALA A 408 1.04 5.75 6.80
CA ALA A 408 1.09 4.48 6.11
C ALA A 408 2.44 3.91 6.54
N GLY A 409 2.88 2.81 5.96
CA GLY A 409 4.15 2.25 6.40
C GLY A 409 5.08 2.37 5.23
N GLY A 410 5.44 1.23 4.66
CA GLY A 410 6.24 1.23 3.47
C GLY A 410 7.57 1.88 3.76
N ASN A 411 7.89 2.92 3.00
CA ASN A 411 9.19 3.57 3.13
C ASN A 411 9.43 4.23 4.48
N GLN A 412 8.38 4.40 5.27
CA GLN A 412 8.51 5.01 6.58
C GLN A 412 8.42 4.03 7.75
N GLU A 413 8.66 2.76 7.48
CA GLU A 413 8.52 1.71 8.47
C GLU A 413 9.86 1.21 8.89
N TRP A 414 10.15 1.24 10.18
CA TRP A 414 11.42 0.76 10.72
C TRP A 414 11.28 0.00 12.02
N ALA A 415 12.31 -0.74 12.38
CA ALA A 415 12.39 -1.40 13.68
C ALA A 415 13.75 -1.22 14.31
N LEU A 416 13.80 -1.19 15.64
CA LEU A 416 15.06 -1.35 16.36
C LEU A 416 15.01 -2.78 16.87
N THR A 417 15.96 -3.60 16.43
CA THR A 417 15.94 -5.05 16.71
C THR A 417 16.71 -5.46 17.97
N LYS A 418 16.52 -6.71 18.40
CA LYS A 418 17.35 -7.33 19.49
C LYS A 418 18.81 -7.18 19.11
N GLU A 419 19.10 -7.45 17.83
CA GLU A 419 20.48 -7.36 17.29
C GLU A 419 21.03 -5.94 17.31
N LYS A 420 20.20 -4.97 17.72
CA LYS A 420 20.58 -3.56 17.87
C LYS A 420 20.75 -2.82 16.52
N SER A 421 19.94 -3.16 15.53
CA SER A 421 20.01 -2.48 14.23
C SER A 421 18.68 -1.79 13.89
N VAL A 422 18.78 -0.73 13.08
CA VAL A 422 17.62 0.00 12.64
C VAL A 422 17.32 -0.48 11.24
N LYS A 423 16.31 -1.34 11.14
CA LYS A 423 16.08 -2.03 9.90
C LYS A 423 14.73 -1.73 9.30
N HIS A 424 14.73 -1.71 7.97
CA HIS A 424 13.55 -1.60 7.16
C HIS A 424 13.60 -2.77 6.20
N MET A 425 12.54 -3.59 6.16
CA MET A 425 12.59 -4.88 5.45
C MET A 425 13.83 -5.66 5.89
N ASP A 426 14.74 -6.00 4.99
CA ASP A 426 15.99 -6.67 5.37
C ASP A 426 17.21 -5.79 5.09
N LEU A 427 16.98 -4.47 5.10
CA LEU A 427 18.04 -3.46 4.97
C LEU A 427 18.21 -2.72 6.30
N CYS A 428 19.40 -2.20 6.54
CA CYS A 428 19.77 -1.71 7.84
C CYS A 428 20.51 -0.41 7.67
N LEU A 429 20.28 0.53 8.60
CA LEU A 429 21.03 1.78 8.59
C LEU A 429 22.44 1.40 8.98
N THR A 430 23.38 1.90 8.17
CA THR A 430 24.76 1.45 8.19
C THR A 430 25.69 2.65 8.21
N VAL A 431 26.56 2.69 9.22
CA VAL A 431 27.57 3.72 9.31
C VAL A 431 28.73 3.24 8.46
N VAL A 432 28.87 3.90 7.33
CA VAL A 432 29.77 3.49 6.29
C VAL A 432 31.10 4.17 6.47
N ASP A 433 31.12 5.23 7.27
CA ASP A 433 32.28 6.07 7.44
C ASP A 433 32.04 6.82 8.74
N ARG A 434 32.87 6.58 9.75
CA ARG A 434 32.65 7.16 11.10
C ARG A 434 33.06 8.65 11.23
N ALA A 435 33.54 9.25 10.15
CA ALA A 435 33.84 10.66 10.17
C ALA A 435 32.56 11.45 10.34
N PRO A 436 32.57 12.46 11.24
CA PRO A 436 31.42 13.39 11.34
C PRO A 436 31.04 13.96 9.98
N GLY A 437 29.76 14.20 9.76
CA GLY A 437 29.25 14.66 8.45
C GLY A 437 29.07 13.58 7.38
N SER A 438 29.55 12.37 7.66
CA SER A 438 29.43 11.27 6.71
C SER A 438 27.99 10.80 6.59
N LEU A 439 27.58 10.56 5.35
CA LEU A 439 26.27 10.04 5.07
C LEU A 439 26.18 8.59 5.50
N ILE A 440 25.02 8.20 5.98
CA ILE A 440 24.77 6.82 6.33
C ILE A 440 24.11 6.21 5.13
N LYS A 441 24.21 4.89 5.04
CA LYS A 441 23.71 4.19 3.88
C LYS A 441 22.84 3.04 4.34
N LEU A 442 21.88 2.73 3.50
CA LEU A 442 21.01 1.62 3.68
C LEU A 442 21.65 0.39 3.00
N GLN A 443 22.06 -0.60 3.79
CA GLN A 443 22.70 -1.81 3.25
C GLN A 443 22.00 -3.06 3.78
N GLY A 444 22.27 -4.22 3.18
CA GLY A 444 21.69 -5.47 3.68
C GLY A 444 22.13 -5.79 5.10
N CYS A 445 21.16 -6.16 5.93
CA CYS A 445 21.44 -6.43 7.34
C CYS A 445 22.36 -7.64 7.48
N ARG A 446 23.45 -7.47 8.24
CA ARG A 446 24.29 -8.60 8.67
C ARG A 446 24.56 -8.50 10.17
N GLU A 447 24.37 -9.60 10.91
CA GLU A 447 24.57 -9.62 12.39
C GLU A 447 26.07 -9.50 12.76
N ASN A 448 26.96 -9.97 11.90
CA ASN A 448 28.37 -9.60 12.04
C ASN A 448 28.54 -8.09 12.39
N ASP A 449 27.89 -7.26 11.59
CA ASP A 449 28.34 -5.90 11.31
C ASP A 449 28.22 -4.90 12.46
N SER A 450 29.38 -4.41 12.88
CA SER A 450 29.46 -3.42 13.94
C SER A 450 28.94 -2.08 13.46
N ARG A 451 28.99 -1.86 12.14
CA ARG A 451 28.61 -0.56 11.54
C ARG A 451 27.09 -0.31 11.50
N GLN A 452 26.31 -1.34 11.84
CA GLN A 452 24.86 -1.30 11.76
C GLN A 452 24.19 -1.34 13.11
N LYS A 453 24.97 -1.12 14.16
CA LYS A 453 24.48 -1.23 15.55
C LYS A 453 24.19 0.17 16.12
N TRP A 454 22.96 0.34 16.58
CA TRP A 454 22.52 1.62 17.10
C TRP A 454 21.91 1.40 18.48
N GLU A 455 21.91 2.46 19.29
CA GLU A 455 21.25 2.39 20.59
C GLU A 455 20.53 3.67 20.91
N GLN A 456 19.44 3.53 21.66
CA GLN A 456 18.65 4.69 22.07
C GLN A 456 19.24 5.36 23.31
N ILE A 457 19.24 6.70 23.33
CA ILE A 457 19.73 7.40 24.50
C ILE A 457 18.80 8.53 24.90
N GLU A 458 19.12 9.18 26.03
CA GLU A 458 18.41 10.36 26.52
C GLU A 458 16.90 10.14 26.52
N GLY A 459 16.50 9.06 27.19
CA GLY A 459 15.11 8.71 27.35
C GLY A 459 14.46 8.39 26.02
N ASN A 460 15.19 7.68 25.16
CA ASN A 460 14.69 7.29 23.82
C ASN A 460 14.29 8.50 22.94
N SER A 461 15.18 9.51 22.94
CA SER A 461 15.01 10.72 22.16
C SER A 461 16.07 10.87 21.06
N LYS A 462 17.07 9.99 21.01
CA LYS A 462 18.08 10.02 19.94
C LYS A 462 18.59 8.62 19.58
N LEU A 463 19.31 8.55 18.45
CA LEU A 463 19.97 7.30 18.02
C LEU A 463 21.47 7.48 17.94
N ARG A 464 22.17 6.82 18.86
CA ARG A 464 23.61 6.84 18.89
C ARG A 464 24.16 5.58 18.25
N HIS A 465 25.26 5.75 17.51
CA HIS A 465 25.97 4.63 16.93
C HIS A 465 26.84 3.91 17.96
N VAL A 466 26.46 2.69 18.30
CA VAL A 466 27.15 1.90 19.33
C VAL A 466 28.66 1.85 19.08
N GLY A 467 29.40 2.28 20.10
CA GLY A 467 30.85 2.34 20.06
C GLY A 467 31.40 3.67 19.58
N SER A 468 30.59 4.72 19.63
CA SER A 468 31.02 6.02 19.13
C SER A 468 30.34 7.12 19.90
N ASN A 469 30.63 8.38 19.59
CA ASN A 469 29.83 9.53 20.08
C ASN A 469 29.10 10.14 18.88
N LEU A 470 28.67 9.27 17.97
CA LEU A 470 27.98 9.68 16.75
C LEU A 470 26.45 9.49 16.83
N CYS A 471 25.71 10.49 16.41
CA CYS A 471 24.25 10.43 16.44
C CYS A 471 23.63 10.66 15.07
N LEU A 472 22.52 9.94 14.81
CA LEU A 472 21.75 10.11 13.58
C LEU A 472 21.28 11.54 13.53
N ASP A 473 21.47 12.19 12.40
CA ASP A 473 21.25 13.65 12.30
C ASP A 473 20.77 14.08 10.88
N SER A 474 19.73 14.92 10.85
CA SER A 474 19.11 15.34 9.58
C SER A 474 19.61 16.66 9.05
N ARG A 475 20.51 17.32 9.79
CA ARG A 475 21.19 18.55 9.37
C ARG A 475 21.50 18.54 7.89
N THR A 476 21.94 17.39 7.39
CA THR A 476 22.39 17.23 6.01
C THR A 476 21.34 16.80 4.95
N ALA A 477 20.07 16.63 5.31
CA ALA A 477 19.02 16.17 4.35
C ALA A 477 19.06 16.88 2.98
N LYS A 478 19.13 18.21 3.03
CA LYS A 478 19.24 19.07 1.84
C LYS A 478 20.57 18.96 1.02
N SER A 479 21.54 18.22 1.55
CA SER A 479 22.91 18.18 1.03
C SER A 479 23.43 16.77 0.80
N GLY A 480 22.55 15.77 0.74
CA GLY A 480 22.96 14.39 0.52
C GLY A 480 22.14 13.32 1.21
N GLY A 481 21.58 13.65 2.37
CA GLY A 481 20.79 12.71 3.15
C GLY A 481 21.12 12.78 4.62
N LEU A 482 20.59 11.83 5.38
CA LEU A 482 20.91 11.77 6.79
C LEU A 482 22.38 11.47 6.96
N SER A 483 22.95 12.05 8.00
CA SER A 483 24.35 11.83 8.33
C SER A 483 24.51 11.42 9.77
N VAL A 484 25.66 10.83 10.04
CA VAL A 484 26.14 10.55 11.37
C VAL A 484 26.88 11.83 11.79
N GLU A 485 26.87 12.15 13.08
CA GLU A 485 27.35 13.48 13.51
C GLU A 485 27.64 13.41 14.99
N VAL A 486 28.47 14.29 15.50
CA VAL A 486 28.86 14.15 16.92
C VAL A 486 27.68 14.53 17.82
N CYS A 487 27.33 13.63 18.75
CA CYS A 487 26.10 13.77 19.52
C CYS A 487 26.07 15.09 20.27
N GLY A 488 25.05 15.89 20.02
CA GLY A 488 24.91 17.18 20.68
C GLY A 488 23.46 17.66 20.80
N PRO A 489 23.25 18.83 21.42
CA PRO A 489 22.00 19.57 21.63
C PRO A 489 21.06 19.70 20.41
N ALA A 490 21.64 19.78 19.23
CA ALA A 490 20.88 19.83 17.97
C ALA A 490 19.55 19.05 18.00
N LEU A 491 18.49 19.72 17.55
CA LEU A 491 17.15 19.07 17.42
C LEU A 491 17.06 18.23 16.16
N SER A 492 17.96 18.45 15.22
CA SER A 492 18.10 17.56 14.08
C SER A 492 18.66 16.21 14.49
N GLN A 493 18.92 16.02 15.78
CA GLN A 493 19.25 14.70 16.31
C GLN A 493 18.17 14.09 17.19
N GLN A 494 16.96 14.64 17.17
CA GLN A 494 15.85 14.09 17.94
C GLN A 494 15.01 13.17 17.04
N TRP A 495 14.79 11.96 17.53
CA TRP A 495 14.11 10.88 16.79
C TRP A 495 13.39 9.98 17.77
N LYS A 496 12.11 9.72 17.51
CA LYS A 496 11.28 8.96 18.42
C LYS A 496 10.58 7.88 17.62
N PHE A 497 10.75 6.62 17.99
CA PHE A 497 9.98 5.55 17.37
C PHE A 497 8.53 5.61 17.83
N THR A 498 7.59 5.32 16.95
CA THR A 498 6.19 5.36 17.35
C THR A 498 5.94 4.38 18.51
N LEU A 499 6.54 3.20 18.47
CA LEU A 499 6.44 2.26 19.57
C LEU A 499 7.81 2.02 20.20
N ASN A 500 7.87 2.14 21.52
CA ASN A 500 9.08 1.77 22.24
C ASN A 500 8.67 0.72 23.26
N LEU A 501 9.50 -0.30 23.47
CA LEU A 501 9.18 -1.37 24.45
C LEU A 501 9.96 -1.19 25.77
N GLN A 502 11.10 -0.49 25.70
CA GLN A 502 11.80 0.04 26.89
C GLN A 502 11.33 1.47 27.17
N ALA B 6 48.90 -22.50 -25.47
CA ALA B 6 48.02 -23.19 -24.49
C ALA B 6 47.29 -22.22 -23.56
N LYS B 7 46.28 -22.77 -22.91
CA LYS B 7 45.49 -22.05 -21.94
C LYS B 7 46.24 -22.09 -20.60
N VAL B 8 46.04 -21.07 -19.77
CA VAL B 8 46.58 -21.08 -18.41
C VAL B 8 45.44 -21.04 -17.39
N ARG B 9 45.65 -21.69 -16.24
CA ARG B 9 44.67 -21.73 -15.16
C ARG B 9 44.56 -20.34 -14.53
N TRP B 10 43.37 -19.97 -14.09
CA TRP B 10 43.10 -18.55 -13.75
C TRP B 10 44.05 -17.98 -12.69
N PRO B 11 44.41 -18.75 -11.65
CA PRO B 11 45.35 -18.19 -10.66
C PRO B 11 46.73 -17.80 -11.23
N ASP B 12 47.18 -18.49 -12.29
CA ASP B 12 48.47 -18.18 -12.91
C ASP B 12 48.36 -17.02 -13.92
N PHE B 13 47.17 -16.44 -14.12
CA PHE B 13 47.03 -15.32 -15.06
C PHE B 13 47.66 -14.06 -14.47
N ASN B 14 48.38 -13.34 -15.32
CA ASN B 14 49.14 -12.19 -14.87
C ASN B 14 48.26 -10.99 -14.90
N GLN B 15 47.55 -10.78 -13.80
CA GLN B 15 46.69 -9.62 -13.68
C GLN B 15 47.47 -8.32 -13.69
N GLU B 16 48.60 -8.28 -12.98
CA GLU B 16 49.37 -7.03 -12.90
C GLU B 16 49.70 -6.60 -14.34
N ALA B 17 50.03 -7.58 -15.20
CA ALA B 17 50.35 -7.33 -16.63
C ALA B 17 49.15 -6.88 -17.47
N TYR B 18 48.10 -7.68 -17.42
CA TYR B 18 46.85 -7.41 -18.13
C TYR B 18 46.26 -6.03 -17.80
N VAL B 19 46.11 -5.74 -16.51
CA VAL B 19 45.49 -4.48 -16.14
C VAL B 19 46.37 -3.30 -16.59
N GLY B 20 47.70 -3.43 -16.41
CA GLY B 20 48.67 -2.36 -16.70
C GLY B 20 49.18 -2.37 -18.12
N ASN B 37 34.93 5.71 -10.98
CA ASN B 37 36.31 5.40 -10.64
C ASN B 37 36.79 4.10 -11.32
N GLN B 38 37.47 4.24 -12.45
CA GLN B 38 38.23 3.14 -13.08
C GLN B 38 39.60 2.98 -12.41
N VAL B 39 39.96 3.96 -11.57
CA VAL B 39 41.23 3.94 -10.81
C VAL B 39 41.13 2.98 -9.62
N GLU B 40 40.10 3.20 -8.79
CA GLU B 40 39.85 2.40 -7.59
C GLU B 40 39.54 0.92 -7.90
N SER B 41 39.03 0.65 -9.11
CA SER B 41 38.81 -0.72 -9.63
C SER B 41 40.11 -1.53 -9.81
N ASP B 42 41.15 -0.88 -10.32
CA ASP B 42 42.43 -1.53 -10.60
C ASP B 42 43.18 -1.90 -9.33
N LYS B 43 42.76 -1.33 -8.20
CA LYS B 43 43.37 -1.58 -6.89
C LYS B 43 43.03 -2.96 -6.33
N LEU B 44 41.89 -3.53 -6.72
CA LEU B 44 41.44 -4.80 -6.17
C LEU B 44 42.13 -5.97 -6.84
N ARG B 45 42.24 -7.10 -6.14
CA ARG B 45 42.72 -8.33 -6.78
C ARG B 45 41.62 -8.90 -7.67
N MET B 46 42.03 -9.67 -8.67
CA MET B 46 41.09 -10.33 -9.59
C MET B 46 40.16 -11.33 -8.86
N ASP B 47 40.65 -11.94 -7.79
CA ASP B 47 39.89 -12.90 -7.00
C ASP B 47 39.62 -12.39 -5.59
N ARG B 48 39.46 -11.07 -5.47
CA ARG B 48 39.30 -10.45 -4.15
C ARG B 48 38.08 -10.99 -3.39
N ALA B 49 38.22 -11.11 -2.08
CA ALA B 49 37.19 -11.70 -1.23
C ALA B 49 36.01 -10.74 -1.06
N ILE B 50 34.80 -11.28 -0.98
CA ILE B 50 33.61 -10.45 -0.84
C ILE B 50 32.65 -11.04 0.19
N PRO B 51 31.94 -10.17 0.91
CA PRO B 51 31.09 -10.71 1.98
C PRO B 51 30.05 -11.63 1.41
N ASP B 52 29.80 -12.75 2.10
CA ASP B 52 28.72 -13.63 1.72
C ASP B 52 27.40 -13.00 2.16
N THR B 53 26.60 -12.57 1.18
CA THR B 53 25.40 -11.79 1.42
C THR B 53 24.14 -12.62 1.42
N ARG B 54 24.29 -13.94 1.57
CA ARG B 54 23.16 -14.84 1.45
C ARG B 54 22.41 -15.03 2.73
N HIS B 55 21.15 -15.42 2.63
CA HIS B 55 20.41 -15.81 3.80
C HIS B 55 21.16 -16.94 4.47
N ASP B 56 20.94 -17.05 5.78
CA ASP B 56 21.60 -18.03 6.62
C ASP B 56 21.29 -19.46 6.17
N GLN B 57 20.15 -19.64 5.51
CA GLN B 57 19.64 -20.96 5.16
C GLN B 57 20.35 -21.48 3.91
N CYS B 58 20.76 -20.56 3.04
CA CYS B 58 21.55 -20.94 1.86
C CYS B 58 22.88 -21.54 2.32
N GLN B 59 23.44 -21.00 3.42
CA GLN B 59 24.77 -21.40 4.00
C GLN B 59 25.07 -22.89 3.94
N ARG B 60 24.09 -23.73 4.26
CA ARG B 60 24.20 -25.12 3.83
C ARG B 60 22.85 -25.72 3.43
N LYS B 61 22.48 -25.44 2.19
CA LYS B 61 21.51 -26.23 1.46
C LYS B 61 22.45 -27.14 0.67
N GLN B 62 21.96 -28.30 0.25
CA GLN B 62 22.80 -29.24 -0.50
C GLN B 62 22.44 -29.20 -2.00
N TRP B 63 23.35 -28.72 -2.82
CA TRP B 63 23.00 -28.61 -4.21
C TRP B 63 23.33 -29.87 -4.94
N ARG B 64 22.37 -30.37 -5.68
CA ARG B 64 22.61 -31.54 -6.45
C ARG B 64 23.56 -31.01 -7.44
N VAL B 65 24.76 -31.54 -7.54
CA VAL B 65 25.70 -31.00 -8.52
C VAL B 65 25.74 -31.81 -9.79
N ASP B 66 24.65 -32.52 -10.08
CA ASP B 66 24.51 -33.28 -11.27
C ASP B 66 23.56 -32.50 -12.12
N LEU B 67 23.93 -31.27 -12.43
CA LEU B 67 23.11 -30.44 -13.25
C LEU B 67 23.74 -30.25 -14.59
N PRO B 68 23.10 -29.48 -15.43
CA PRO B 68 23.55 -29.18 -16.79
C PRO B 68 24.57 -28.09 -16.90
N ALA B 69 25.77 -28.38 -17.30
CA ALA B 69 26.75 -27.33 -17.47
C ALA B 69 26.18 -26.16 -18.28
N THR B 70 26.79 -24.99 -18.11
CA THR B 70 26.31 -23.75 -18.73
C THR B 70 27.42 -23.05 -19.50
N SER B 71 27.02 -22.39 -20.59
CA SER B 71 27.90 -21.47 -21.30
C SER B 71 27.60 -20.08 -20.75
N VAL B 72 28.61 -19.37 -20.31
CA VAL B 72 28.44 -18.05 -19.73
C VAL B 72 28.79 -17.00 -20.76
N VAL B 73 27.79 -16.28 -21.25
CA VAL B 73 28.00 -15.20 -22.22
C VAL B 73 28.19 -13.84 -21.53
N ILE B 74 29.34 -13.24 -21.71
CA ILE B 74 29.59 -11.91 -21.20
C ILE B 74 29.95 -11.04 -22.39
N THR B 75 29.14 -10.02 -22.59
CA THR B 75 29.21 -9.11 -23.73
C THR B 75 29.78 -7.83 -23.20
N PHE B 76 30.56 -7.11 -24.02
CA PHE B 76 31.13 -5.83 -23.55
C PHE B 76 31.64 -4.88 -24.60
N HIS B 77 31.63 -3.58 -24.27
CA HIS B 77 32.14 -2.51 -25.14
C HIS B 77 32.96 -1.50 -24.35
N ASN B 78 34.27 -1.61 -24.44
CA ASN B 78 35.16 -0.76 -23.64
C ASN B 78 34.83 -0.87 -22.15
N GLU B 79 34.97 -2.06 -21.59
CA GLU B 79 34.93 -2.29 -20.17
C GLU B 79 36.31 -2.07 -19.60
N ALA B 80 36.38 -1.70 -18.33
CA ALA B 80 37.64 -1.62 -17.62
C ALA B 80 38.21 -3.01 -17.45
N ARG B 81 39.49 -3.15 -17.81
CA ARG B 81 40.13 -4.45 -17.81
C ARG B 81 40.08 -5.10 -16.44
N SER B 82 40.42 -4.36 -15.40
CA SER B 82 40.38 -4.91 -14.05
C SER B 82 39.00 -5.49 -13.71
N ALA B 83 37.94 -4.84 -14.19
CA ALA B 83 36.58 -5.29 -13.92
C ALA B 83 36.16 -6.46 -14.81
N LEU B 84 36.63 -6.44 -16.05
CA LEU B 84 36.28 -7.50 -16.96
C LEU B 84 36.88 -8.78 -16.42
N LEU B 85 38.17 -8.71 -16.16
CA LEU B 85 38.89 -9.83 -15.58
C LEU B 85 38.20 -10.31 -14.30
N ARG B 86 37.85 -9.39 -13.43
CA ARG B 86 37.33 -9.77 -12.14
C ARG B 86 36.03 -10.54 -12.33
N THR B 87 35.24 -10.18 -13.35
CA THR B 87 34.02 -10.91 -13.63
C THR B 87 34.37 -12.35 -13.98
N VAL B 88 35.29 -12.48 -14.91
CA VAL B 88 35.68 -13.76 -15.47
C VAL B 88 36.22 -14.67 -14.40
N VAL B 89 37.17 -14.21 -13.60
CA VAL B 89 37.71 -15.11 -12.57
C VAL B 89 36.64 -15.44 -11.54
N SER B 90 35.85 -14.41 -11.19
CA SER B 90 34.70 -14.61 -10.32
C SER B 90 33.86 -15.84 -10.74
N VAL B 91 33.48 -15.91 -12.00
CA VAL B 91 32.77 -17.07 -12.47
C VAL B 91 33.61 -18.33 -12.23
N LEU B 92 34.85 -18.35 -12.71
CA LEU B 92 35.65 -19.58 -12.61
C LEU B 92 35.89 -20.02 -11.18
N LYS B 93 36.14 -19.05 -10.30
CA LYS B 93 36.46 -19.36 -8.92
C LYS B 93 35.29 -19.85 -8.14
N LYS B 94 34.11 -19.29 -8.36
CA LYS B 94 32.95 -19.54 -7.50
C LYS B 94 32.00 -20.58 -8.05
N SER B 95 32.23 -21.01 -9.29
CA SER B 95 31.41 -22.03 -9.92
C SER B 95 32.15 -23.35 -9.93
N PRO B 96 31.50 -24.43 -9.46
CA PRO B 96 32.10 -25.75 -9.66
C PRO B 96 32.53 -25.94 -11.12
N PRO B 97 33.80 -26.27 -11.35
CA PRO B 97 34.29 -26.16 -12.73
C PRO B 97 33.56 -27.08 -13.68
N HIS B 98 32.96 -28.16 -13.18
CA HIS B 98 32.28 -29.07 -14.09
C HIS B 98 30.98 -28.50 -14.64
N LEU B 99 30.44 -27.49 -13.97
CA LEU B 99 29.27 -26.79 -14.49
C LEU B 99 29.60 -25.63 -15.42
N ILE B 100 30.86 -25.24 -15.51
CA ILE B 100 31.26 -24.24 -16.49
C ILE B 100 31.85 -24.88 -17.77
N LYS B 101 31.02 -24.96 -18.82
CA LYS B 101 31.49 -25.48 -20.09
C LYS B 101 32.46 -24.51 -20.72
N GLU B 102 32.12 -23.23 -20.67
CA GLU B 102 32.90 -22.21 -21.33
C GLU B 102 32.43 -20.85 -20.88
N ILE B 103 33.28 -19.86 -21.12
CA ILE B 103 32.91 -18.49 -20.92
C ILE B 103 33.21 -17.79 -22.22
N ILE B 104 32.16 -17.32 -22.86
CA ILE B 104 32.27 -16.65 -24.14
C ILE B 104 32.24 -15.16 -23.88
N LEU B 105 33.32 -14.46 -24.19
CA LEU B 105 33.37 -13.02 -24.13
C LEU B 105 33.03 -12.48 -25.51
N VAL B 106 32.04 -11.61 -25.64
CA VAL B 106 31.78 -10.98 -26.94
C VAL B 106 32.26 -9.53 -26.91
N ASP B 107 33.41 -9.26 -27.51
CA ASP B 107 33.91 -7.90 -27.62
C ASP B 107 33.07 -7.18 -28.66
N ASP B 108 32.27 -6.21 -28.23
CA ASP B 108 31.36 -5.49 -29.13
C ASP B 108 32.03 -4.25 -29.66
N TYR B 109 33.11 -4.47 -30.40
CA TYR B 109 33.88 -3.41 -31.04
C TYR B 109 34.42 -2.44 -30.00
N SER B 110 34.99 -2.98 -28.93
CA SER B 110 35.84 -2.20 -28.02
C SER B 110 36.93 -1.61 -28.90
N ASN B 111 37.59 -0.56 -28.44
CA ASN B 111 38.56 0.12 -29.27
C ASN B 111 39.86 -0.63 -29.30
N ASP B 112 40.22 -1.21 -28.17
CA ASP B 112 41.43 -2.01 -28.05
C ASP B 112 41.05 -3.50 -28.00
N PRO B 113 41.23 -4.22 -29.14
CA PRO B 113 40.82 -5.63 -29.21
C PRO B 113 41.47 -6.52 -28.16
N GLU B 114 42.63 -6.08 -27.68
CA GLU B 114 43.40 -6.82 -26.69
C GLU B 114 42.66 -6.99 -25.36
N ASP B 115 41.88 -5.99 -24.98
CA ASP B 115 41.05 -6.06 -23.79
C ASP B 115 40.46 -7.45 -23.72
N GLY B 116 39.80 -7.85 -24.82
CA GLY B 116 39.25 -9.20 -24.94
C GLY B 116 40.24 -10.33 -25.22
N ALA B 117 41.00 -10.18 -26.30
CA ALA B 117 41.83 -11.27 -26.79
C ALA B 117 42.77 -11.81 -25.74
N LEU B 118 43.32 -10.93 -24.92
CA LEU B 118 44.27 -11.33 -23.88
C LEU B 118 43.67 -12.34 -22.88
N LEU B 119 42.35 -12.32 -22.72
CA LEU B 119 41.72 -13.15 -21.71
C LEU B 119 41.50 -14.53 -22.28
N GLY B 120 41.53 -14.62 -23.61
CA GLY B 120 41.53 -15.91 -24.30
C GLY B 120 42.55 -16.94 -23.80
N LYS B 121 43.67 -16.48 -23.26
CA LYS B 121 44.65 -17.40 -22.67
C LYS B 121 44.20 -18.04 -21.34
N ILE B 122 43.08 -17.62 -20.75
CA ILE B 122 42.61 -18.29 -19.54
C ILE B 122 41.77 -19.53 -19.89
N GLU B 123 41.90 -20.57 -19.07
CA GLU B 123 41.07 -21.78 -19.18
C GLU B 123 39.60 -21.44 -19.41
N LYS B 124 38.97 -22.15 -20.32
CA LYS B 124 37.51 -22.08 -20.56
C LYS B 124 37.10 -20.81 -21.30
N VAL B 125 37.90 -19.77 -21.27
CA VAL B 125 37.54 -18.49 -21.93
C VAL B 125 37.75 -18.47 -23.46
N ARG B 126 36.68 -18.14 -24.18
CA ARG B 126 36.68 -17.89 -25.62
C ARG B 126 36.26 -16.45 -25.86
N VAL B 127 36.80 -15.81 -26.88
CA VAL B 127 36.45 -14.45 -27.18
C VAL B 127 36.13 -14.23 -28.64
N LEU B 128 35.04 -13.52 -28.85
CA LEU B 128 34.50 -13.19 -30.17
C LEU B 128 34.57 -11.69 -30.37
N ARG B 129 34.83 -11.26 -31.59
CA ARG B 129 34.98 -9.84 -31.90
C ARG B 129 33.90 -9.43 -32.87
N ASN B 130 33.51 -8.17 -32.83
CA ASN B 130 32.55 -7.66 -33.78
C ASN B 130 33.32 -6.71 -34.66
N ASP B 131 33.02 -6.72 -35.97
CA ASP B 131 33.45 -5.69 -36.96
C ASP B 131 33.15 -4.28 -36.51
N ARG B 132 32.04 -4.13 -35.82
CA ARG B 132 31.47 -2.84 -35.51
C ARG B 132 30.54 -2.97 -34.32
N ARG B 133 30.16 -1.83 -33.75
CA ARG B 133 29.16 -1.80 -32.70
C ARG B 133 27.90 -2.50 -33.16
N GLU B 134 27.55 -3.58 -32.50
CA GLU B 134 26.30 -4.27 -32.77
C GLU B 134 25.28 -4.06 -31.65
N GLY B 135 25.77 -3.59 -30.51
CA GLY B 135 24.95 -3.44 -29.34
C GLY B 135 24.86 -4.72 -28.54
N LEU B 136 24.17 -4.63 -27.41
CA LEU B 136 24.10 -5.70 -26.43
C LEU B 136 23.20 -6.85 -26.90
N MET B 137 22.06 -6.50 -27.46
CA MET B 137 21.11 -7.53 -27.90
C MET B 137 21.81 -8.45 -28.88
N ARG B 138 22.28 -7.89 -30.00
CA ARG B 138 22.90 -8.70 -31.04
C ARG B 138 24.14 -9.43 -30.56
N SER B 139 24.94 -8.78 -29.71
CA SER B 139 26.08 -9.43 -29.11
C SER B 139 25.71 -10.64 -28.27
N ARG B 140 24.70 -10.51 -27.44
CA ARG B 140 24.24 -11.66 -26.68
C ARG B 140 23.78 -12.80 -27.56
N VAL B 141 23.12 -12.49 -28.67
CA VAL B 141 22.61 -13.52 -29.57
C VAL B 141 23.78 -14.22 -30.22
N ARG B 142 24.82 -13.45 -30.53
CA ARG B 142 26.02 -13.99 -31.16
C ARG B 142 26.64 -14.99 -30.18
N GLY B 143 26.74 -14.61 -28.90
CA GLY B 143 27.31 -15.46 -27.87
C GLY B 143 26.47 -16.69 -27.67
N ALA B 144 25.16 -16.49 -27.60
CA ALA B 144 24.23 -17.60 -27.42
C ALA B 144 24.41 -18.63 -28.53
N ASP B 145 24.52 -18.14 -29.76
CA ASP B 145 24.62 -19.00 -30.95
C ASP B 145 25.95 -19.80 -30.98
N ALA B 146 27.03 -19.15 -30.56
CA ALA B 146 28.31 -19.80 -30.42
C ALA B 146 28.40 -20.78 -29.25
N ALA B 147 27.44 -20.76 -28.34
CA ALA B 147 27.53 -21.56 -27.12
C ALA B 147 27.38 -23.06 -27.41
N GLN B 148 28.03 -23.87 -26.57
CA GLN B 148 28.12 -25.28 -26.75
C GLN B 148 27.36 -26.03 -25.69
N ALA B 149 27.00 -25.35 -24.62
CA ALA B 149 26.36 -25.99 -23.50
C ALA B 149 24.88 -25.95 -23.71
N LYS B 150 24.16 -26.71 -22.88
CA LYS B 150 22.69 -26.77 -22.98
C LYS B 150 22.00 -25.54 -22.34
N VAL B 151 22.70 -24.79 -21.50
CA VAL B 151 22.10 -23.72 -20.70
C VAL B 151 22.92 -22.46 -20.75
N LEU B 152 22.26 -21.32 -20.90
CA LEU B 152 22.95 -20.05 -21.05
C LEU B 152 22.93 -19.25 -19.74
N THR B 153 24.03 -18.59 -19.49
CA THR B 153 24.10 -17.68 -18.39
C THR B 153 24.66 -16.38 -18.94
N PHE B 154 23.87 -15.31 -18.84
CA PHE B 154 24.28 -13.99 -19.28
C PHE B 154 24.68 -13.12 -18.09
N LEU B 155 25.82 -12.46 -18.17
CA LEU B 155 26.29 -11.56 -17.15
C LEU B 155 26.89 -10.27 -17.76
N ASP B 156 26.80 -9.20 -16.98
CA ASP B 156 27.43 -7.94 -17.33
C ASP B 156 28.93 -8.03 -17.08
N SER B 157 29.69 -7.30 -17.88
CA SER B 157 31.15 -7.32 -17.82
C SER B 157 31.73 -6.73 -16.53
N HIS B 158 30.86 -6.40 -15.57
CA HIS B 158 31.28 -5.85 -14.29
C HIS B 158 30.50 -6.47 -13.17
N CYS B 159 30.56 -7.78 -13.05
CA CYS B 159 29.90 -8.48 -11.98
C CYS B 159 30.92 -9.27 -11.14
N GLU B 160 30.49 -9.70 -9.96
CA GLU B 160 31.28 -10.56 -9.09
C GLU B 160 30.34 -11.57 -8.43
N CYS B 161 30.39 -12.82 -8.88
CA CYS B 161 29.55 -13.86 -8.35
C CYS B 161 30.01 -14.24 -6.94
N ASN B 162 29.02 -14.51 -6.08
CA ASN B 162 29.22 -14.83 -4.66
C ASN B 162 29.14 -16.34 -4.50
N GLU B 163 29.27 -16.83 -3.26
CA GLU B 163 29.21 -18.27 -2.98
C GLU B 163 28.04 -18.96 -3.66
N HIS B 164 28.31 -20.16 -4.19
CA HIS B 164 27.29 -21.08 -4.69
C HIS B 164 26.17 -20.33 -5.39
N TRP B 165 26.59 -19.41 -6.25
CA TRP B 165 25.68 -18.56 -6.99
C TRP B 165 24.94 -19.31 -8.08
N LEU B 166 25.58 -20.33 -8.65
CA LEU B 166 25.14 -20.90 -9.92
C LEU B 166 24.23 -22.09 -9.75
N GLU B 167 24.54 -22.96 -8.79
CA GLU B 167 23.74 -24.17 -8.63
C GLU B 167 22.26 -23.88 -8.44
N PRO B 168 21.92 -22.91 -7.57
CA PRO B 168 20.50 -22.58 -7.43
C PRO B 168 19.85 -22.14 -8.74
N LEU B 169 20.55 -21.42 -9.61
CA LEU B 169 19.93 -20.99 -10.86
C LEU B 169 19.66 -22.22 -11.74
N LEU B 170 20.69 -23.04 -11.90
CA LEU B 170 20.60 -24.22 -12.73
C LEU B 170 19.57 -25.23 -12.22
N GLU B 171 19.49 -25.37 -10.90
CA GLU B 171 18.53 -26.30 -10.31
C GLU B 171 17.14 -26.01 -10.84
N ARG B 172 16.86 -24.73 -11.03
CA ARG B 172 15.55 -24.26 -11.44
C ARG B 172 15.25 -24.54 -12.89
N VAL B 173 16.19 -24.21 -13.77
CA VAL B 173 16.00 -24.47 -15.21
C VAL B 173 16.07 -25.96 -15.53
N ALA B 174 16.89 -26.69 -14.80
CA ALA B 174 16.92 -28.12 -14.95
C ALA B 174 15.56 -28.73 -14.74
N GLU B 175 14.89 -28.29 -13.67
CA GLU B 175 13.60 -28.85 -13.27
C GLU B 175 12.50 -28.44 -14.25
N ASP B 176 12.59 -27.24 -14.83
CA ASP B 176 11.57 -26.74 -15.77
C ASP B 176 12.25 -25.77 -16.72
N ARG B 177 12.44 -26.21 -17.95
CA ARG B 177 13.11 -25.44 -18.99
C ARG B 177 12.53 -24.03 -19.27
N THR B 178 11.27 -23.80 -18.90
CA THR B 178 10.57 -22.57 -19.24
C THR B 178 10.75 -21.49 -18.21
N ARG B 179 11.48 -21.77 -17.14
CA ARG B 179 11.89 -20.73 -16.18
C ARG B 179 13.10 -19.95 -16.65
N VAL B 180 13.11 -18.66 -16.40
CA VAL B 180 14.20 -17.80 -16.73
C VAL B 180 14.55 -17.12 -15.44
N VAL B 181 15.71 -17.43 -14.88
CA VAL B 181 15.94 -17.14 -13.49
C VAL B 181 17.11 -16.19 -13.28
N SER B 182 16.94 -15.31 -12.30
CA SER B 182 17.91 -14.27 -12.02
C SER B 182 18.35 -14.39 -10.59
N PRO B 183 19.61 -14.03 -10.33
CA PRO B 183 20.06 -13.97 -8.95
C PRO B 183 19.57 -12.68 -8.33
N ILE B 184 19.66 -12.57 -7.02
CA ILE B 184 19.62 -11.26 -6.40
C ILE B 184 20.89 -10.55 -6.87
N ILE B 185 20.73 -9.32 -7.29
CA ILE B 185 21.83 -8.53 -7.75
C ILE B 185 22.31 -7.60 -6.65
N ASP B 186 23.38 -7.98 -5.98
CA ASP B 186 24.02 -7.12 -4.99
C ASP B 186 24.66 -5.92 -5.70
N VAL B 187 25.12 -4.95 -4.92
CA VAL B 187 25.56 -3.69 -5.46
C VAL B 187 27.01 -3.52 -5.15
N ILE B 188 27.77 -3.23 -6.19
CA ILE B 188 29.18 -2.92 -6.08
C ILE B 188 29.25 -1.45 -6.36
N ASN B 189 29.76 -0.70 -5.40
CA ASN B 189 29.72 0.73 -5.48
C ASN B 189 30.68 1.20 -6.56
N MET B 190 30.20 2.06 -7.46
CA MET B 190 31.03 2.53 -8.59
C MET B 190 32.25 3.33 -8.14
N ASP B 191 32.17 3.95 -6.98
CA ASP B 191 33.28 4.77 -6.49
C ASP B 191 34.28 4.00 -5.66
N ASN B 192 33.82 3.26 -4.66
CA ASN B 192 34.75 2.61 -3.72
C ASN B 192 34.79 1.08 -3.81
N PHE B 193 33.92 0.51 -4.64
CA PHE B 193 33.91 -0.94 -4.88
C PHE B 193 33.65 -1.80 -3.65
N GLN B 194 32.97 -1.22 -2.67
CA GLN B 194 32.40 -1.99 -1.59
C GLN B 194 31.27 -2.87 -2.16
N TYR B 195 31.30 -4.15 -1.81
CA TYR B 195 30.27 -5.07 -2.25
C TYR B 195 29.19 -5.02 -1.18
N VAL B 196 27.97 -4.75 -1.60
CA VAL B 196 26.87 -4.45 -0.69
C VAL B 196 25.65 -5.31 -0.97
N GLY B 197 25.15 -6.03 0.04
CA GLY B 197 23.97 -6.88 -0.16
C GLY B 197 22.68 -6.11 -0.46
N ALA B 198 21.99 -6.52 -1.53
CA ALA B 198 20.69 -5.89 -1.89
C ALA B 198 19.59 -6.57 -1.09
N SER B 199 18.38 -6.08 -1.22
CA SER B 199 17.28 -6.71 -0.51
C SER B 199 16.82 -7.97 -1.22
N ALA B 200 16.28 -8.93 -0.46
CA ALA B 200 15.66 -10.12 -1.04
C ALA B 200 14.14 -10.05 -0.99
N ASP B 201 13.61 -8.87 -0.75
CA ASP B 201 12.20 -8.73 -0.47
C ASP B 201 11.52 -7.93 -1.57
N LEU B 202 12.08 -7.97 -2.77
CA LEU B 202 11.59 -7.11 -3.87
C LEU B 202 11.38 -7.84 -5.17
N LYS B 203 10.57 -7.25 -6.02
CA LYS B 203 10.18 -7.81 -7.30
C LYS B 203 10.41 -6.74 -8.35
N GLY B 204 10.73 -7.15 -9.56
CA GLY B 204 10.80 -6.22 -10.67
C GLY B 204 9.43 -5.78 -11.11
N GLY B 205 9.30 -4.51 -11.45
CA GLY B 205 8.04 -3.94 -11.91
C GLY B 205 8.25 -2.79 -12.88
N PHE B 206 7.21 -1.98 -13.07
CA PHE B 206 7.33 -0.78 -13.88
C PHE B 206 6.10 0.10 -13.76
N ASP B 207 6.26 1.31 -14.28
CA ASP B 207 5.17 2.25 -14.39
C ASP B 207 4.80 2.36 -15.85
N TRP B 208 3.72 3.09 -16.13
CA TRP B 208 3.21 3.20 -17.48
C TRP B 208 4.15 3.86 -18.47
N ASN B 209 5.12 4.61 -17.98
CA ASN B 209 6.24 5.07 -18.80
C ASN B 209 7.26 3.98 -19.14
N LEU B 210 6.96 2.73 -18.79
CA LEU B 210 7.83 1.60 -19.08
C LEU B 210 9.25 1.77 -18.54
N VAL B 211 9.34 2.39 -17.37
CA VAL B 211 10.59 2.57 -16.66
C VAL B 211 10.60 1.58 -15.52
N PHE B 212 11.59 0.68 -15.53
CA PHE B 212 11.78 -0.28 -14.42
C PHE B 212 11.75 0.30 -13.01
N LYS B 213 10.97 -0.30 -12.11
CA LYS B 213 11.02 0.03 -10.67
C LYS B 213 10.97 -1.24 -9.83
N TRP B 214 11.31 -1.12 -8.55
CA TRP B 214 11.23 -2.25 -7.65
C TRP B 214 9.99 -2.12 -6.83
N ASP B 215 9.38 -3.26 -6.50
CA ASP B 215 8.15 -3.29 -5.74
C ASP B 215 8.42 -4.07 -4.46
N TYR B 216 7.70 -3.74 -3.41
CA TYR B 216 7.58 -4.58 -2.26
C TYR B 216 6.72 -5.75 -2.66
N MET B 217 6.79 -6.83 -1.89
CA MET B 217 5.83 -7.88 -2.05
C MET B 217 4.63 -7.42 -1.21
N THR B 218 3.43 -7.81 -1.60
CA THR B 218 2.20 -7.42 -0.88
C THR B 218 2.18 -8.04 0.52
N PRO B 219 1.32 -7.53 1.44
CA PRO B 219 1.11 -8.22 2.71
C PRO B 219 0.94 -9.74 2.59
N GLU B 220 0.14 -10.18 1.65
CA GLU B 220 -0.10 -11.59 1.49
C GLU B 220 1.11 -12.23 0.89
N GLN B 221 1.78 -11.47 0.04
CA GLN B 221 2.97 -11.84 -0.65
C GLN B 221 3.95 -12.49 0.29
N ARG B 222 4.43 -11.70 1.22
CA ARG B 222 5.46 -12.16 2.12
C ARG B 222 4.94 -13.11 3.12
N ARG B 223 3.65 -13.05 3.33
CA ARG B 223 3.01 -13.92 4.28
C ARG B 223 3.27 -15.34 3.82
N SER B 224 2.97 -15.63 2.56
CA SER B 224 3.18 -16.95 2.00
C SER B 224 4.58 -17.53 2.15
N ARG B 225 5.61 -16.70 2.09
CA ARG B 225 6.99 -17.14 2.20
C ARG B 225 7.52 -17.26 3.61
N GLN B 226 6.66 -17.15 4.60
CA GLN B 226 7.10 -17.26 5.97
C GLN B 226 7.70 -18.63 6.17
N GLY B 227 7.02 -19.64 5.63
CA GLY B 227 7.46 -21.04 5.70
C GLY B 227 8.75 -21.39 4.97
N ASN B 228 9.16 -20.55 4.02
CA ASN B 228 10.45 -20.76 3.34
C ASN B 228 10.94 -19.43 2.79
N PRO B 229 11.75 -18.70 3.58
CA PRO B 229 12.20 -17.32 3.24
C PRO B 229 13.13 -17.17 2.03
N VAL B 230 13.69 -18.28 1.55
CA VAL B 230 14.58 -18.26 0.37
C VAL B 230 13.97 -18.95 -0.86
N ALA B 231 12.66 -19.17 -0.83
CA ALA B 231 11.96 -19.74 -1.97
C ALA B 231 12.16 -18.85 -3.17
N PRO B 232 12.13 -19.43 -4.36
CA PRO B 232 12.12 -18.59 -5.54
C PRO B 232 10.96 -17.65 -5.49
N ILE B 233 11.06 -16.54 -6.20
CA ILE B 233 10.01 -15.58 -6.21
C ILE B 233 9.69 -15.16 -7.65
N LYS B 234 8.43 -15.32 -8.06
CA LYS B 234 8.02 -14.94 -9.40
C LYS B 234 8.09 -13.45 -9.52
N THR B 235 8.50 -12.94 -10.67
CA THR B 235 8.70 -11.50 -10.87
C THR B 235 8.14 -11.09 -12.24
N PRO B 236 7.40 -9.99 -12.29
CA PRO B 236 6.77 -9.59 -13.56
C PRO B 236 7.72 -9.09 -14.60
N MET B 237 8.84 -8.59 -14.15
CA MET B 237 9.78 -7.83 -14.98
C MET B 237 11.15 -8.24 -14.53
N ILE B 238 12.01 -8.50 -15.50
CA ILE B 238 13.35 -8.95 -15.18
C ILE B 238 14.19 -7.73 -14.83
N ALA B 239 15.06 -7.93 -13.83
CA ALA B 239 15.90 -6.89 -13.26
C ALA B 239 16.80 -6.33 -14.31
N GLY B 240 17.31 -7.20 -15.17
CA GLY B 240 17.82 -6.73 -16.43
C GLY B 240 18.55 -7.80 -17.18
N GLY B 241 19.84 -7.92 -16.87
CA GLY B 241 20.74 -8.66 -17.73
C GLY B 241 21.47 -9.84 -17.13
N LEU B 242 21.53 -9.98 -15.81
CA LEU B 242 22.04 -11.21 -15.25
C LEU B 242 20.91 -12.21 -15.18
N PHE B 243 20.98 -13.28 -15.96
CA PHE B 243 19.98 -14.34 -15.84
C PHE B 243 20.41 -15.59 -16.55
N VAL B 244 19.67 -16.67 -16.29
CA VAL B 244 20.00 -17.99 -16.75
C VAL B 244 18.82 -18.57 -17.49
N MET B 245 19.08 -19.21 -18.62
CA MET B 245 18.01 -19.67 -19.50
C MET B 245 18.46 -20.90 -20.29
N ASP B 246 17.59 -21.91 -20.37
CA ASP B 246 17.77 -23.04 -21.29
C ASP B 246 18.00 -22.47 -22.67
N LYS B 247 19.02 -22.98 -23.34
CA LYS B 247 19.44 -22.46 -24.64
C LYS B 247 18.35 -22.66 -25.67
N PHE B 248 17.84 -23.88 -25.75
CA PHE B 248 16.76 -24.18 -26.64
C PHE B 248 15.57 -23.22 -26.43
N TYR B 249 15.11 -23.08 -25.18
CA TYR B 249 14.00 -22.18 -24.89
C TYR B 249 14.31 -20.78 -25.37
N PHE B 250 15.52 -20.31 -25.09
CA PHE B 250 15.93 -18.98 -25.54
C PHE B 250 15.63 -18.81 -27.02
N GLU B 251 16.01 -19.81 -27.82
CA GLU B 251 15.90 -19.77 -29.28
C GLU B 251 14.44 -19.93 -29.71
N GLU B 252 13.79 -20.91 -29.13
CA GLU B 252 12.40 -21.14 -29.39
C GLU B 252 11.54 -19.90 -29.19
N LEU B 253 11.72 -19.21 -28.06
CA LEU B 253 10.95 -17.98 -27.82
C LEU B 253 11.47 -16.78 -28.62
N GLY B 254 12.45 -16.98 -29.48
CA GLY B 254 12.89 -15.94 -30.39
C GLY B 254 13.98 -15.05 -29.82
N LYS B 255 14.83 -15.60 -28.97
CA LYS B 255 16.12 -14.97 -28.70
C LYS B 255 15.96 -13.58 -28.14
N TYR B 256 16.44 -12.58 -28.87
CA TYR B 256 16.16 -11.16 -28.64
C TYR B 256 15.68 -10.54 -29.97
N ASP B 257 15.14 -9.35 -29.88
CA ASP B 257 14.70 -8.63 -31.06
C ASP B 257 15.92 -8.01 -31.75
N MET B 258 16.38 -8.64 -32.83
CA MET B 258 17.63 -8.22 -33.48
C MET B 258 17.61 -6.78 -34.00
N MET B 259 16.44 -6.20 -34.17
CA MET B 259 16.43 -4.83 -34.64
C MET B 259 16.48 -3.86 -33.49
N MET B 260 16.82 -4.34 -32.32
CA MET B 260 16.89 -3.48 -31.19
C MET B 260 18.26 -2.85 -31.07
N ASP B 261 18.23 -1.54 -30.85
CA ASP B 261 19.34 -0.61 -30.70
C ASP B 261 20.70 -0.95 -30.10
N VAL B 262 20.99 -0.47 -28.89
CA VAL B 262 22.31 -0.72 -28.35
C VAL B 262 22.36 -1.08 -26.87
N TRP B 263 21.50 -0.45 -26.10
CA TRP B 263 21.38 -0.66 -24.67
C TRP B 263 19.98 -0.19 -24.61
N GLY B 264 19.11 -1.04 -24.20
CA GLY B 264 17.72 -0.64 -24.41
C GLY B 264 16.70 -1.21 -23.46
N GLY B 265 15.52 -1.50 -23.98
CA GLY B 265 14.39 -1.99 -23.17
C GLY B 265 14.10 -3.43 -23.52
N GLU B 266 15.18 -4.18 -23.67
CA GLU B 266 15.06 -5.55 -24.09
C GLU B 266 14.57 -6.37 -22.90
N ASN B 267 14.81 -5.87 -21.68
CA ASN B 267 14.27 -6.46 -20.45
C ASN B 267 12.74 -6.39 -20.42
N LEU B 268 12.18 -5.27 -20.88
CA LEU B 268 10.70 -5.19 -21.09
C LEU B 268 10.21 -6.26 -22.02
N GLU B 269 10.83 -6.28 -23.21
CA GLU B 269 10.43 -7.15 -24.29
C GLU B 269 10.57 -8.60 -23.89
N ILE B 270 11.66 -8.96 -23.21
CA ILE B 270 11.84 -10.37 -22.86
C ILE B 270 10.89 -10.77 -21.74
N SER B 271 10.69 -9.87 -20.78
CA SER B 271 9.78 -10.15 -19.66
C SER B 271 8.38 -10.38 -20.18
N PHE B 272 7.89 -9.43 -20.98
CA PHE B 272 6.60 -9.60 -21.58
C PHE B 272 6.53 -10.93 -22.33
N ARG B 273 7.51 -11.15 -23.20
CA ARG B 273 7.49 -12.32 -24.07
C ARG B 273 7.49 -13.65 -23.31
N VAL B 274 8.33 -13.78 -22.31
CA VAL B 274 8.40 -15.03 -21.59
C VAL B 274 7.07 -15.35 -20.92
N TRP B 275 6.57 -14.39 -20.17
CA TRP B 275 5.34 -14.57 -19.42
C TRP B 275 4.19 -14.87 -20.36
N GLN B 276 4.06 -14.01 -21.36
CA GLN B 276 2.90 -14.04 -22.26
C GLN B 276 2.93 -15.30 -23.08
N CYS B 277 4.13 -15.79 -23.39
CA CYS B 277 4.26 -16.97 -24.27
C CYS B 277 4.41 -18.29 -23.53
N GLY B 278 4.13 -18.29 -22.22
CA GLY B 278 3.97 -19.53 -21.48
C GLY B 278 5.06 -19.80 -20.46
N GLY B 279 6.09 -18.97 -20.45
CA GLY B 279 7.20 -19.14 -19.51
C GLY B 279 6.97 -18.38 -18.21
N SER B 280 7.99 -18.39 -17.35
CA SER B 280 7.98 -17.62 -16.13
C SER B 280 9.35 -16.99 -15.84
N LEU B 281 9.33 -15.90 -15.08
CA LEU B 281 10.52 -15.18 -14.59
C LEU B 281 10.69 -15.38 -13.12
N GLU B 282 11.92 -15.58 -12.64
CA GLU B 282 12.12 -15.78 -11.21
C GLU B 282 13.35 -15.07 -10.69
N ILE B 283 13.34 -14.79 -9.41
CA ILE B 283 14.48 -14.27 -8.71
C ILE B 283 14.79 -15.27 -7.60
N ILE B 284 16.04 -15.71 -7.53
CA ILE B 284 16.41 -16.83 -6.72
C ILE B 284 17.24 -16.28 -5.59
N PRO B 285 16.64 -16.15 -4.41
CA PRO B 285 17.33 -15.45 -3.34
C PRO B 285 18.67 -16.04 -2.91
N CYS B 286 18.87 -17.36 -3.03
CA CYS B 286 20.16 -17.94 -2.66
C CYS B 286 21.28 -17.70 -3.66
N SER B 287 20.93 -17.10 -4.80
CA SER B 287 21.90 -16.78 -5.84
C SER B 287 22.24 -15.31 -5.78
N ARG B 288 23.52 -15.02 -5.54
CA ARG B 288 23.98 -13.65 -5.37
C ARG B 288 25.07 -13.26 -6.34
N VAL B 289 24.86 -12.19 -7.09
CA VAL B 289 25.88 -11.67 -7.95
C VAL B 289 25.91 -10.17 -7.83
N GLY B 290 27.07 -9.66 -7.48
CA GLY B 290 27.28 -8.22 -7.40
C GLY B 290 27.33 -7.62 -8.78
N HIS B 291 26.96 -6.35 -8.85
CA HIS B 291 26.97 -5.62 -10.08
C HIS B 291 27.42 -4.20 -9.81
N VAL B 292 28.13 -3.61 -10.76
CA VAL B 292 28.57 -2.23 -10.63
C VAL B 292 27.53 -1.38 -11.32
N PHE B 293 26.77 -0.62 -10.54
CA PHE B 293 25.69 0.19 -11.09
C PHE B 293 26.24 1.53 -11.54
N ARG B 294 25.75 2.02 -12.69
CA ARG B 294 26.33 3.19 -13.39
C ARG B 294 25.62 4.51 -13.04
N VAL B 308 16.25 1.85 -21.62
CA VAL B 308 15.00 2.25 -22.21
C VAL B 308 15.23 3.39 -23.13
N PHE B 309 15.18 3.17 -24.43
CA PHE B 309 15.31 4.27 -25.34
C PHE B 309 14.36 4.14 -26.48
N ALA B 310 13.25 4.85 -26.36
CA ALA B 310 12.18 4.95 -27.32
C ALA B 310 11.94 3.76 -28.20
N ARG B 311 12.75 3.73 -29.25
CA ARG B 311 12.76 2.70 -30.27
C ARG B 311 12.64 1.36 -29.66
N ASN B 312 13.57 1.02 -28.81
CA ASN B 312 13.45 -0.31 -28.24
C ASN B 312 12.18 -0.44 -27.43
N THR B 313 11.88 0.60 -26.67
CA THR B 313 10.69 0.59 -25.86
C THR B 313 9.43 0.53 -26.71
N ARG B 314 9.41 1.21 -27.87
CA ARG B 314 8.26 1.15 -28.77
C ARG B 314 8.14 -0.22 -29.38
N ARG B 315 9.29 -0.80 -29.72
CA ARG B 315 9.30 -2.12 -30.29
C ARG B 315 8.70 -3.14 -29.33
N ALA B 316 8.89 -2.93 -28.04
CA ALA B 316 8.29 -3.80 -27.04
C ALA B 316 6.79 -3.55 -27.01
N ALA B 317 6.44 -2.28 -26.85
CA ALA B 317 5.07 -1.89 -26.62
C ALA B 317 4.16 -2.18 -27.80
N GLU B 318 4.68 -2.00 -29.02
CA GLU B 318 3.86 -2.17 -30.23
C GLU B 318 3.65 -3.62 -30.61
N VAL B 319 4.39 -4.52 -29.96
CA VAL B 319 4.26 -5.93 -30.27
C VAL B 319 3.51 -6.65 -29.17
N TRP B 320 3.77 -6.26 -27.93
CA TRP B 320 3.33 -7.05 -26.77
C TRP B 320 2.18 -6.48 -25.97
N MET B 321 2.10 -5.18 -25.86
CA MET B 321 1.12 -4.60 -24.99
C MET B 321 -0.26 -4.39 -25.52
N ASP B 322 -0.49 -4.76 -26.76
CA ASP B 322 -1.78 -4.59 -27.41
C ASP B 322 -2.25 -3.15 -27.28
N GLU B 323 -3.47 -2.93 -26.82
CA GLU B 323 -3.99 -1.57 -26.74
C GLU B 323 -3.41 -0.78 -25.60
N TYR B 324 -2.96 -1.49 -24.60
CA TYR B 324 -2.36 -0.85 -23.43
C TYR B 324 -1.11 -0.05 -23.79
N LYS B 325 -0.59 -0.22 -24.99
CA LYS B 325 0.46 0.67 -25.43
C LYS B 325 0.03 2.11 -25.29
N ASN B 326 -1.29 2.36 -25.36
CA ASN B 326 -1.78 3.73 -25.31
C ASN B 326 -1.60 4.41 -23.94
N PHE B 327 -1.40 3.62 -22.90
CA PHE B 327 -1.03 4.16 -21.61
C PHE B 327 0.43 4.52 -21.57
N TYR B 328 1.27 3.80 -22.29
CA TYR B 328 2.67 4.19 -22.42
C TYR B 328 2.74 5.53 -23.08
N TYR B 329 2.06 5.68 -24.22
CA TYR B 329 2.08 6.95 -24.94
C TYR B 329 1.34 8.06 -24.18
N ALA B 330 0.44 7.67 -23.28
CA ALA B 330 -0.17 8.65 -22.40
C ALA B 330 0.83 9.20 -21.40
N ALA B 331 1.67 8.32 -20.89
CA ALA B 331 2.75 8.73 -20.01
C ALA B 331 3.87 9.44 -20.78
N VAL B 332 4.04 9.09 -22.05
CA VAL B 332 5.18 9.54 -22.82
C VAL B 332 4.74 9.90 -24.27
N PRO B 333 4.12 11.07 -24.45
CA PRO B 333 3.69 11.51 -25.78
C PRO B 333 4.85 11.74 -26.74
N SER B 334 5.98 12.20 -26.20
CA SER B 334 7.24 12.35 -26.96
C SER B 334 7.53 11.13 -27.80
N ALA B 335 7.17 9.96 -27.27
CA ALA B 335 7.49 8.70 -27.90
C ALA B 335 6.71 8.42 -29.19
N ARG B 336 5.54 9.03 -29.38
CA ARG B 336 4.75 8.77 -30.61
C ARG B 336 5.47 9.23 -31.87
N ASN B 337 6.45 10.13 -31.71
CA ASN B 337 7.20 10.68 -32.84
C ASN B 337 8.49 9.92 -33.20
N VAL B 338 8.85 8.92 -32.41
CA VAL B 338 10.13 8.22 -32.60
C VAL B 338 9.95 7.04 -33.54
N PRO B 339 10.55 7.11 -34.73
CA PRO B 339 10.34 5.97 -35.64
C PRO B 339 11.04 4.74 -35.08
N TYR B 340 10.46 3.57 -35.31
CA TYR B 340 10.89 2.38 -34.57
C TYR B 340 11.19 1.12 -35.39
N GLY B 341 11.14 1.25 -36.71
CA GLY B 341 11.54 0.17 -37.60
C GLY B 341 10.45 -0.83 -37.86
N ASN B 342 10.79 -1.86 -38.62
CA ASN B 342 9.87 -2.90 -38.99
C ASN B 342 9.75 -3.94 -37.85
N ILE B 343 8.52 -4.24 -37.45
CA ILE B 343 8.29 -5.14 -36.34
C ILE B 343 7.49 -6.35 -36.77
N GLN B 344 7.56 -6.64 -38.07
CA GLN B 344 6.69 -7.63 -38.64
C GLN B 344 7.15 -9.03 -38.24
N SER B 345 8.45 -9.26 -38.22
CA SER B 345 8.93 -10.62 -37.97
C SER B 345 8.62 -10.95 -36.51
N ARG B 346 8.70 -9.91 -35.66
CA ARG B 346 8.32 -10.04 -34.25
C ARG B 346 6.81 -10.29 -34.01
N LEU B 347 5.95 -9.60 -34.75
CA LEU B 347 4.52 -9.86 -34.66
C LEU B 347 4.18 -11.28 -35.11
N GLU B 348 4.96 -11.81 -36.05
CA GLU B 348 4.74 -13.15 -36.57
C GLU B 348 5.17 -14.19 -35.55
N LEU B 349 6.30 -13.93 -34.89
CA LEU B 349 6.75 -14.72 -33.76
C LEU B 349 5.65 -14.89 -32.70
N ARG B 350 5.02 -13.78 -32.32
CA ARG B 350 3.98 -13.79 -31.31
C ARG B 350 2.80 -14.68 -31.72
N LYS B 351 2.39 -14.56 -32.97
CA LYS B 351 1.31 -15.37 -33.56
C LYS B 351 1.63 -16.87 -33.49
N LYS B 352 2.83 -17.21 -33.95
CA LYS B 352 3.32 -18.60 -33.97
C LYS B 352 3.33 -19.21 -32.57
N LEU B 353 3.71 -18.42 -31.58
CA LEU B 353 3.79 -18.93 -30.22
C LEU B 353 2.45 -18.94 -29.49
N SER B 354 1.40 -18.45 -30.13
CA SER B 354 0.09 -18.46 -29.50
C SER B 354 0.16 -17.75 -28.13
N CYS B 355 0.84 -16.61 -28.06
CA CYS B 355 1.01 -15.93 -26.78
C CYS B 355 -0.30 -15.27 -26.36
N LYS B 356 -0.57 -15.28 -25.05
CA LYS B 356 -1.75 -14.66 -24.48
C LYS B 356 -1.66 -13.15 -24.56
N PRO B 357 -2.79 -12.45 -24.43
CA PRO B 357 -2.71 -11.00 -24.62
C PRO B 357 -2.18 -10.26 -23.40
N PHE B 358 -1.76 -9.03 -23.58
CA PHE B 358 -1.26 -8.23 -22.47
C PHE B 358 -2.29 -8.16 -21.36
N LYS B 359 -3.57 -8.08 -21.73
CA LYS B 359 -4.62 -8.04 -20.72
C LYS B 359 -4.46 -9.18 -19.72
N TRP B 360 -4.05 -10.34 -20.23
CA TRP B 360 -3.81 -11.53 -19.42
C TRP B 360 -2.63 -11.34 -18.49
N TYR B 361 -1.57 -10.70 -18.99
CA TYR B 361 -0.36 -10.47 -18.22
C TYR B 361 -0.68 -9.58 -17.03
N LEU B 362 -1.42 -8.50 -17.28
CA LEU B 362 -1.80 -7.58 -16.21
C LEU B 362 -2.64 -8.28 -15.15
N GLU B 363 -3.61 -9.08 -15.60
CA GLU B 363 -4.48 -9.77 -14.65
C GLU B 363 -3.73 -10.83 -13.86
N ASN B 364 -2.89 -11.59 -14.52
CA ASN B 364 -2.27 -12.77 -13.89
C ASN B 364 -0.85 -12.61 -13.39
N VAL B 365 -0.05 -11.81 -14.09
CA VAL B 365 1.34 -11.66 -13.76
C VAL B 365 1.59 -10.42 -12.92
N TYR B 366 0.92 -9.30 -13.24
CA TYR B 366 1.19 -7.98 -12.60
C TYR B 366 -0.12 -7.25 -12.25
N PRO B 367 -0.96 -7.88 -11.43
CA PRO B 367 -2.22 -7.25 -11.02
C PRO B 367 -2.06 -6.01 -10.16
N GLU B 368 -0.92 -5.85 -9.51
CA GLU B 368 -0.72 -4.68 -8.67
C GLU B 368 -0.47 -3.40 -9.47
N LEU B 369 -0.20 -3.49 -10.76
CA LEU B 369 -0.04 -2.30 -11.58
C LEU B 369 -1.39 -1.69 -11.86
N ARG B 370 -1.57 -0.46 -11.43
CA ARG B 370 -2.84 0.20 -11.56
C ARG B 370 -3.12 0.57 -13.00
N VAL B 371 -4.28 0.18 -13.49
CA VAL B 371 -4.61 0.40 -14.89
C VAL B 371 -5.83 1.34 -15.01
N PRO B 372 -5.71 2.42 -15.79
CA PRO B 372 -6.85 3.33 -15.96
C PRO B 372 -8.04 2.65 -16.64
N ASP B 373 -9.25 3.11 -16.35
CA ASP B 373 -10.43 2.70 -17.09
C ASP B 373 -10.22 3.09 -18.54
N HIS B 374 -10.66 2.24 -19.47
CA HIS B 374 -10.41 2.47 -20.89
C HIS B 374 -10.98 3.81 -21.38
N GLN B 375 -11.97 4.37 -20.68
CA GLN B 375 -12.55 5.68 -21.00
C GLN B 375 -12.18 6.81 -20.02
N ASP B 376 -11.02 6.70 -19.37
CA ASP B 376 -10.50 7.79 -18.53
C ASP B 376 -9.81 8.74 -19.46
N ILE B 377 -9.96 10.04 -19.24
CA ILE B 377 -9.29 11.06 -20.06
C ILE B 377 -7.84 11.26 -19.61
N ALA B 378 -7.63 11.24 -18.28
CA ALA B 378 -6.30 11.34 -17.71
C ALA B 378 -6.29 10.52 -16.44
N PHE B 379 -5.10 10.11 -16.01
CA PHE B 379 -4.95 9.22 -14.86
C PHE B 379 -3.59 9.37 -14.20
N GLY B 380 -3.53 9.05 -12.93
CA GLY B 380 -2.28 8.89 -12.21
C GLY B 380 -2.14 9.81 -11.02
N ALA B 381 -1.02 10.52 -10.95
CA ALA B 381 -0.89 11.57 -9.97
C ALA B 381 -1.20 12.86 -10.65
N LEU B 382 -1.57 13.87 -9.88
CA LEU B 382 -1.92 15.16 -10.43
C LEU B 382 -1.01 16.12 -9.76
N GLN B 383 0.03 16.51 -10.47
CA GLN B 383 1.15 17.17 -9.82
C GLN B 383 1.35 18.59 -10.27
N GLN B 384 1.88 19.35 -9.33
CA GLN B 384 2.19 20.75 -9.51
C GLN B 384 3.63 20.90 -9.07
N GLY B 385 4.52 21.04 -10.06
CA GLY B 385 5.95 20.93 -9.80
C GLY B 385 6.21 19.56 -9.20
N THR B 386 6.73 19.51 -7.98
CA THR B 386 7.01 18.22 -7.35
C THR B 386 6.06 17.96 -6.23
N ASN B 387 4.95 18.68 -6.20
CA ASN B 387 3.92 18.33 -5.26
C ASN B 387 2.78 17.63 -5.97
N CYS B 388 2.07 16.82 -5.22
CA CYS B 388 1.02 16.02 -5.77
C CYS B 388 -0.31 16.23 -5.06
N LEU B 389 -1.41 16.17 -5.79
CA LEU B 389 -2.75 16.29 -5.19
C LEU B 389 -2.91 15.13 -4.23
N ASP B 390 -3.30 15.41 -2.99
CA ASP B 390 -3.29 14.39 -1.96
C ASP B 390 -4.57 14.49 -1.14
N THR B 391 -5.18 13.36 -0.82
CA THR B 391 -6.43 13.37 -0.07
C THR B 391 -6.20 13.75 1.36
N LEU B 392 -4.95 13.75 1.82
CA LEU B 392 -4.63 13.94 3.22
C LEU B 392 -5.28 12.89 4.12
N GLY B 393 -5.62 11.73 3.55
CA GLY B 393 -6.37 10.70 4.25
C GLY B 393 -7.68 11.19 4.78
N HIS B 394 -8.38 12.04 4.05
CA HIS B 394 -9.66 12.58 4.48
C HIS B 394 -10.68 11.86 3.67
N PHE B 395 -11.32 10.85 4.22
CA PHE B 395 -12.20 10.07 3.37
C PHE B 395 -13.70 10.31 3.22
N ALA B 396 -14.19 11.52 3.48
CA ALA B 396 -15.60 11.90 3.34
C ALA B 396 -15.74 13.33 3.68
N ASP B 397 -16.20 14.13 2.73
CA ASP B 397 -16.44 15.55 2.93
C ASP B 397 -15.30 16.23 3.60
N GLY B 398 -14.12 15.95 3.12
CA GLY B 398 -12.96 16.50 3.75
C GLY B 398 -12.26 17.33 2.74
N VAL B 399 -11.53 18.28 3.25
CA VAL B 399 -10.71 19.10 2.37
C VAL B 399 -9.58 18.26 1.80
N VAL B 400 -8.94 18.81 0.80
CA VAL B 400 -7.92 18.12 0.03
C VAL B 400 -6.66 19.01 -0.01
N GLY B 401 -5.49 18.44 -0.27
CA GLY B 401 -4.23 19.20 -0.21
C GLY B 401 -3.15 18.70 -1.11
N VAL B 402 -1.90 19.06 -0.82
CA VAL B 402 -0.74 18.45 -1.54
C VAL B 402 0.31 17.93 -0.57
N TYR B 403 1.05 16.91 -1.00
CA TYR B 403 2.27 16.42 -0.31
C TYR B 403 3.30 16.32 -1.39
N GLU B 404 4.56 16.07 -1.01
CA GLU B 404 5.62 15.80 -1.99
C GLU B 404 5.22 14.52 -2.68
N CYS B 405 5.41 14.47 -3.98
CA CYS B 405 5.06 13.29 -4.73
C CYS B 405 5.92 12.13 -4.23
N HIS B 406 5.30 10.96 -4.05
CA HIS B 406 6.01 9.73 -3.62
C HIS B 406 5.89 8.53 -4.57
N ASN B 407 5.24 8.71 -5.71
CA ASN B 407 5.14 7.69 -6.76
C ASN B 407 4.59 6.32 -6.38
N ALA B 408 3.80 6.28 -5.31
CA ALA B 408 3.25 5.08 -4.73
C ALA B 408 1.72 5.22 -4.56
N GLY B 409 1.03 5.62 -5.63
CA GLY B 409 -0.43 5.81 -5.64
C GLY B 409 -1.15 6.13 -4.33
N GLY B 410 -2.17 5.37 -3.99
CA GLY B 410 -2.91 5.60 -2.76
C GLY B 410 -3.53 6.98 -2.73
N ASN B 411 -3.20 7.76 -1.71
CA ASN B 411 -3.77 9.09 -1.56
C ASN B 411 -3.41 10.03 -2.67
N GLN B 412 -2.42 9.66 -3.50
CA GLN B 412 -2.00 10.50 -4.63
C GLN B 412 -2.44 10.00 -5.99
N GLU B 413 -3.46 9.16 -5.99
CA GLU B 413 -3.97 8.55 -7.21
C GLU B 413 -5.30 9.14 -7.63
N TRP B 414 -5.36 9.66 -8.85
CA TRP B 414 -6.57 10.30 -9.37
C TRP B 414 -6.82 10.01 -10.84
N ALA B 415 -8.05 10.26 -11.26
CA ALA B 415 -8.42 10.11 -12.66
C ALA B 415 -9.29 11.26 -13.10
N LEU B 416 -9.18 11.62 -14.36
CA LEU B 416 -10.16 12.47 -14.98
C LEU B 416 -11.01 11.53 -15.81
N THR B 417 -12.31 11.45 -15.51
CA THR B 417 -13.22 10.47 -16.14
C THR B 417 -13.92 10.97 -17.40
N LYS B 418 -14.54 10.05 -18.15
CA LYS B 418 -15.46 10.42 -19.26
C LYS B 418 -16.54 11.37 -18.72
N GLU B 419 -17.06 11.06 -17.53
CA GLU B 419 -18.10 11.87 -16.86
C GLU B 419 -17.58 13.26 -16.49
N LYS B 420 -16.29 13.51 -16.73
CA LYS B 420 -15.65 14.82 -16.50
C LYS B 420 -15.43 15.13 -15.00
N SER B 421 -15.12 14.13 -14.19
CA SER B 421 -14.87 14.36 -12.78
C SER B 421 -13.45 13.93 -12.40
N VAL B 422 -12.92 14.55 -11.34
CA VAL B 422 -11.60 14.22 -10.84
C VAL B 422 -11.80 13.34 -9.65
N LYS B 423 -11.62 12.06 -9.84
CA LYS B 423 -12.00 11.11 -8.83
C LYS B 423 -10.82 10.31 -8.29
N HIS B 424 -10.93 10.00 -7.01
CA HIS B 424 -10.04 9.09 -6.29
C HIS B 424 -10.92 8.05 -5.63
N MET B 425 -10.65 6.78 -5.86
CA MET B 425 -11.58 5.73 -5.48
C MET B 425 -12.97 6.10 -6.00
N ASP B 426 -13.97 6.22 -5.13
CA ASP B 426 -15.31 6.62 -5.56
C ASP B 426 -15.70 7.98 -4.97
N LEU B 427 -14.68 8.79 -4.71
CA LEU B 427 -14.84 10.17 -4.24
C LEU B 427 -14.37 11.13 -5.32
N CYS B 428 -14.92 12.33 -5.31
CA CYS B 428 -14.78 13.23 -6.44
C CYS B 428 -14.51 14.62 -5.90
N LEU B 429 -13.66 15.38 -6.58
CA LEU B 429 -13.40 16.74 -6.18
C LEU B 429 -14.67 17.46 -6.52
N THR B 430 -15.14 18.24 -5.55
CA THR B 430 -16.46 18.82 -5.56
C THR B 430 -16.36 20.31 -5.23
N VAL B 431 -16.90 21.13 -6.11
CA VAL B 431 -17.03 22.56 -5.86
C VAL B 431 -18.31 22.80 -5.04
N VAL B 432 -18.10 23.09 -3.79
CA VAL B 432 -19.13 23.09 -2.81
C VAL B 432 -19.73 24.49 -2.71
N ASP B 433 -19.00 25.47 -3.22
CA ASP B 433 -19.33 26.88 -3.09
C ASP B 433 -18.51 27.58 -4.18
N ARG B 434 -19.20 28.18 -5.14
CA ARG B 434 -18.52 28.75 -6.32
C ARG B 434 -17.86 30.12 -6.04
N ALA B 435 -17.95 30.61 -4.82
CA ALA B 435 -17.28 31.84 -4.46
C ALA B 435 -15.77 31.62 -4.53
N PRO B 436 -15.06 32.54 -5.19
CA PRO B 436 -13.60 32.51 -5.14
C PRO B 436 -13.08 32.34 -3.70
N GLY B 437 -11.94 31.65 -3.56
CA GLY B 437 -11.37 31.38 -2.24
C GLY B 437 -12.02 30.23 -1.47
N SER B 438 -13.14 29.72 -1.98
CA SER B 438 -13.84 28.60 -1.34
C SER B 438 -13.04 27.31 -1.47
N LEU B 439 -13.00 26.58 -0.37
CA LEU B 439 -12.37 25.29 -0.36
C LEU B 439 -13.20 24.30 -1.14
N ILE B 440 -12.52 23.40 -1.81
CA ILE B 440 -13.18 22.30 -2.47
C ILE B 440 -13.21 21.14 -1.50
N LYS B 441 -14.16 20.23 -1.73
CA LYS B 441 -14.32 19.10 -0.86
C LYS B 441 -14.36 17.82 -1.64
N LEU B 442 -13.92 16.76 -0.98
CA LEU B 442 -13.92 15.42 -1.51
C LEU B 442 -15.21 14.74 -1.09
N GLN B 443 -16.09 14.48 -2.04
CA GLN B 443 -17.41 13.92 -1.74
C GLN B 443 -17.66 12.69 -2.61
N GLY B 444 -18.66 11.91 -2.28
CA GLY B 444 -19.01 10.76 -3.10
C GLY B 444 -19.44 11.17 -4.52
N CYS B 445 -18.89 10.46 -5.52
CA CYS B 445 -19.15 10.78 -6.90
C CYS B 445 -20.63 10.55 -7.22
N ARG B 446 -21.27 11.55 -7.82
CA ARG B 446 -22.60 11.39 -8.44
C ARG B 446 -22.64 12.01 -9.83
N GLU B 447 -23.15 11.28 -10.83
CA GLU B 447 -23.19 11.75 -12.23
C GLU B 447 -24.18 12.91 -12.42
N ASN B 448 -25.25 12.93 -11.64
CA ASN B 448 -26.07 14.15 -11.58
C ASN B 448 -25.16 15.41 -11.53
N ASP B 449 -24.20 15.38 -10.61
CA ASP B 449 -23.65 16.60 -9.99
C ASP B 449 -22.83 17.50 -10.88
N SER B 450 -23.35 18.71 -11.08
CA SER B 450 -22.68 19.71 -11.87
C SER B 450 -21.46 20.24 -11.13
N ARG B 451 -21.46 20.10 -9.79
CA ARG B 451 -20.40 20.66 -8.94
C ARG B 451 -19.11 19.85 -8.97
N GLN B 452 -19.13 18.69 -9.60
CA GLN B 452 -18.02 17.78 -9.65
C GLN B 452 -17.41 17.63 -11.02
N LYS B 453 -17.79 18.54 -11.93
CA LYS B 453 -17.36 18.47 -13.33
C LYS B 453 -16.18 19.43 -13.60
N TRP B 454 -15.09 18.88 -14.10
CA TRP B 454 -13.88 19.64 -14.34
C TRP B 454 -13.44 19.42 -15.76
N GLU B 455 -12.68 20.38 -16.30
CA GLU B 455 -12.09 20.19 -17.64
C GLU B 455 -10.67 20.72 -17.71
N GLN B 456 -9.88 20.10 -18.57
CA GLN B 456 -8.50 20.52 -18.76
C GLN B 456 -8.42 21.69 -19.74
N ILE B 457 -7.56 22.66 -19.45
CA ILE B 457 -7.38 23.76 -20.37
C ILE B 457 -5.91 24.07 -20.57
N GLU B 458 -5.63 24.99 -21.49
CA GLU B 458 -4.28 25.52 -21.75
C GLU B 458 -3.28 24.38 -21.92
N GLY B 459 -3.62 23.51 -22.85
CA GLY B 459 -2.78 22.39 -23.21
C GLY B 459 -2.60 21.41 -22.08
N ASN B 460 -3.67 21.16 -21.34
CA ASN B 460 -3.64 20.25 -20.18
C ASN B 460 -2.63 20.69 -19.11
N SER B 461 -2.68 21.99 -18.78
CA SER B 461 -1.85 22.58 -17.75
C SER B 461 -2.67 23.13 -16.54
N LYS B 462 -3.99 23.11 -16.62
CA LYS B 462 -4.84 23.51 -15.48
C LYS B 462 -6.17 22.73 -15.41
N LEU B 463 -6.86 22.89 -14.28
CA LEU B 463 -8.20 22.32 -14.08
C LEU B 463 -9.26 23.38 -13.81
N ARG B 464 -10.13 23.56 -14.80
CA ARG B 464 -11.19 24.53 -14.70
C ARG B 464 -12.48 23.82 -14.34
N HIS B 465 -13.26 24.49 -13.50
CA HIS B 465 -14.58 24.00 -13.13
C HIS B 465 -15.59 24.28 -14.23
N VAL B 466 -16.07 23.24 -14.88
CA VAL B 466 -17.00 23.35 -16.01
C VAL B 466 -18.18 24.22 -15.66
N GLY B 467 -18.37 25.26 -16.47
CA GLY B 467 -19.45 26.22 -16.29
C GLY B 467 -19.07 27.42 -15.44
N SER B 468 -17.77 27.69 -15.31
CA SER B 468 -17.31 28.80 -14.48
C SER B 468 -16.01 29.34 -15.02
N ASN B 469 -15.47 30.38 -14.38
CA ASN B 469 -14.08 30.81 -14.63
C ASN B 469 -13.23 30.49 -13.40
N LEU B 470 -13.54 29.36 -12.78
CA LEU B 470 -12.85 28.91 -11.58
C LEU B 470 -11.81 27.83 -11.87
N CYS B 471 -10.62 27.98 -11.30
CA CYS B 471 -9.56 27.00 -11.48
C CYS B 471 -9.08 26.41 -10.12
N LEU B 472 -8.74 25.11 -10.14
CA LEU B 472 -8.15 24.45 -8.98
C LEU B 472 -6.88 25.18 -8.64
N ASP B 473 -6.70 25.53 -7.36
CA ASP B 473 -5.60 26.38 -6.93
C ASP B 473 -5.08 26.04 -5.51
N SER B 474 -3.76 25.96 -5.38
CA SER B 474 -3.12 25.58 -4.09
C SER B 474 -2.67 26.76 -3.24
N ARG B 475 -2.87 27.99 -3.72
CA ARG B 475 -2.64 29.23 -2.96
C ARG B 475 -3.02 29.05 -1.49
N THR B 476 -4.14 28.36 -1.24
CA THR B 476 -4.71 28.21 0.10
C THR B 476 -4.27 26.98 0.93
N ALA B 477 -3.36 26.14 0.44
CA ALA B 477 -2.99 24.91 1.15
C ALA B 477 -2.70 25.10 2.64
N LYS B 478 -1.88 26.10 2.93
CA LYS B 478 -1.52 26.48 4.32
C LYS B 478 -2.66 27.11 5.17
N SER B 479 -3.82 27.34 4.54
CA SER B 479 -4.93 28.07 5.14
C SER B 479 -6.27 27.33 5.10
N GLY B 480 -6.25 26.02 4.84
CA GLY B 480 -7.48 25.25 4.79
C GLY B 480 -7.49 24.10 3.80
N GLY B 481 -6.76 24.25 2.71
CA GLY B 481 -6.69 23.24 1.66
C GLY B 481 -6.79 23.84 0.29
N LEU B 482 -6.92 23.00 -0.73
CA LEU B 482 -7.03 23.49 -2.09
C LEU B 482 -8.35 24.26 -2.20
N SER B 483 -8.31 25.30 -3.03
CA SER B 483 -9.47 26.13 -3.26
C SER B 483 -9.72 26.30 -4.73
N VAL B 484 -10.95 26.67 -5.02
CA VAL B 484 -11.38 27.09 -6.33
C VAL B 484 -11.06 28.59 -6.36
N GLU B 485 -10.74 29.14 -7.52
CA GLU B 485 -10.23 30.50 -7.58
C GLU B 485 -10.37 30.98 -8.99
N VAL B 486 -10.39 32.28 -9.21
CA VAL B 486 -10.62 32.77 -10.57
C VAL B 486 -9.40 32.49 -11.47
N CYS B 487 -9.63 31.82 -12.60
CA CYS B 487 -8.55 31.32 -13.43
C CYS B 487 -7.60 32.43 -13.81
N GLY B 488 -6.39 32.32 -13.33
CA GLY B 488 -5.39 33.32 -13.57
C GLY B 488 -4.12 32.67 -14.05
N PRO B 489 -3.08 33.47 -14.14
CA PRO B 489 -1.76 33.06 -14.59
C PRO B 489 -0.86 32.74 -13.43
N ALA B 490 -1.43 32.30 -12.32
CA ALA B 490 -0.62 31.91 -11.18
C ALA B 490 -0.14 30.51 -11.39
N LEU B 491 0.87 30.10 -10.65
CA LEU B 491 1.39 28.77 -10.85
C LEU B 491 0.81 27.79 -9.88
N SER B 492 -0.17 28.22 -9.13
CA SER B 492 -0.77 27.42 -8.14
C SER B 492 -1.94 26.87 -8.86
N GLN B 493 -2.08 27.21 -10.13
CA GLN B 493 -3.15 26.70 -10.86
C GLN B 493 -2.54 25.83 -11.91
N GLN B 494 -1.26 25.49 -11.80
CA GLN B 494 -0.69 24.55 -12.77
C GLN B 494 -0.74 23.13 -12.20
N TRP B 495 -1.31 22.21 -12.98
CA TRP B 495 -1.56 20.83 -12.58
C TRP B 495 -1.52 19.93 -13.82
N LYS B 496 -0.73 18.86 -13.74
CA LYS B 496 -0.51 17.96 -14.87
C LYS B 496 -0.72 16.55 -14.42
N PHE B 497 -1.63 15.82 -15.08
CA PHE B 497 -1.79 14.39 -14.79
C PHE B 497 -0.62 13.60 -15.35
N THR B 498 -0.16 12.56 -14.62
CA THR B 498 0.98 11.77 -15.12
C THR B 498 0.66 11.13 -16.46
N LEU B 499 -0.58 10.67 -16.66
CA LEU B 499 -1.04 10.18 -17.94
C LEU B 499 -2.18 11.03 -18.51
N ASN B 500 -2.03 11.50 -19.75
CA ASN B 500 -3.10 12.20 -20.44
C ASN B 500 -3.39 11.41 -21.70
N LEU B 501 -4.65 11.25 -22.09
CA LEU B 501 -5.00 10.47 -23.28
C LEU B 501 -5.30 11.37 -24.49
MN MN C . -22.88 10.25 16.74
C1' UD2 D . -19.42 7.83 17.75
C2' UD2 D . -20.25 6.63 17.29
C3' UD2 D . -20.98 6.11 18.56
C4' UD2 D . -19.88 5.63 19.53
C5' UD2 D . -19.12 6.91 19.98
C6' UD2 D . -18.13 6.64 21.13
C7' UD2 D . -21.05 6.50 14.97
C8' UD2 D . -21.95 7.13 13.95
N2' UD2 D . -21.11 7.04 16.19
O1' UD2 D . -20.36 8.82 18.16
O3' UD2 D . -22.04 5.16 18.38
O4' UD2 D . -18.97 4.67 18.95
O5' UD2 D . -18.49 7.51 18.82
O6' UD2 D . -18.56 7.32 22.33
O7' UD2 D . -20.33 5.56 14.67
N1 UD2 D . -24.06 10.35 24.95
C2 UD2 D . -24.35 9.80 26.24
N3 UD2 D . -25.32 8.93 26.38
C4 UD2 D . -26.03 8.54 25.34
C5 UD2 D . -25.80 9.03 24.06
C6 UD2 D . -24.78 9.96 23.89
O2 UD2 D . -23.73 10.09 27.28
O4 UD2 D . -26.89 7.71 25.58
C1B UD2 D . -22.97 11.36 24.83
C2B UD2 D . -21.68 10.71 24.31
O2' UD2 D . -20.82 10.28 25.37
C3B UD2 D . -21.04 11.76 23.41
C4B UD2 D . -22.20 12.65 22.97
O4B UD2 D . -23.26 12.47 23.94
O3B UD2 D . -20.01 12.52 24.08
C5B UD2 D . -22.65 12.31 21.53
O5B UD2 D . -22.76 10.89 21.36
PA UD2 D . -22.31 10.08 20.05
O1A UD2 D . -22.38 8.62 20.45
O2A UD2 D . -23.19 10.47 18.89
O3A UD2 D . -20.86 10.72 19.70
PB UD2 D . -20.06 10.36 18.32
O1B UD2 D . -18.58 10.50 18.50
O2B UD2 D . -20.76 11.05 17.17
MN MN E . 25.96 -3.31 -16.06
C1' UD2 F . 21.00 -2.75 -17.59
C2' UD2 F . 21.28 -4.21 -17.27
C3' UD2 F . 21.62 -4.97 -18.54
C4' UD2 F . 20.60 -4.71 -19.64
C5' UD2 F . 20.37 -3.21 -19.81
C6' UD2 F . 19.28 -2.95 -20.86
C7' UD2 F . 22.23 -4.97 -15.18
C8' UD2 F . 23.37 -4.86 -14.21
N2' UD2 F . 22.37 -4.31 -16.32
O1' UD2 F . 22.19 -2.13 -18.09
O3' UD2 F . 21.66 -6.38 -18.26
O4' UD2 F . 19.37 -5.35 -19.31
O5' UD2 F . 19.96 -2.65 -18.57
O6' UD2 F . 19.88 -2.92 -22.16
O7' UD2 F . 21.22 -5.62 -14.91
N1 UD2 F . 27.12 -3.37 -23.93
C2 UD2 F . 27.47 -3.68 -25.27
N3 UD2 F . 27.16 -2.84 -26.25
C4 UD2 F . 26.52 -1.69 -25.99
C5 UD2 F . 26.17 -1.36 -24.70
C6 UD2 F . 26.49 -2.23 -23.66
O2 UD2 F . 28.06 -4.74 -25.52
O4 UD2 F . 26.24 -0.91 -26.94
C1B UD2 F . 27.46 -4.30 -22.85
C2B UD2 F . 28.30 -3.58 -21.80
O2' UD2 F . 29.56 -4.23 -21.64
C3B UD2 F . 27.51 -3.66 -20.51
C4B UD2 F . 26.23 -4.42 -20.84
O4B UD2 F . 26.26 -4.76 -22.23
O3B UD2 F . 28.26 -4.36 -19.52
C5B UD2 F . 24.99 -3.58 -20.55
O5B UD2 F . 25.01 -3.15 -19.18
PA UD2 F . 25.65 -1.74 -18.79
O1A UD2 F . 25.99 -0.99 -20.05
O2A UD2 F . 26.72 -1.97 -17.75
O3A UD2 F . 24.42 -0.98 -18.07
PB UD2 F . 23.41 -1.80 -17.11
O1B UD2 F . 22.92 -0.86 -16.04
O2B UD2 F . 24.07 -3.10 -16.72
#